data_1SB7
#
_entry.id   1SB7
#
_cell.length_a   63.665
_cell.length_b   108.780
_cell.length_c   111.855
_cell.angle_alpha   90.00
_cell.angle_beta   90.00
_cell.angle_gamma   90.00
#
_symmetry.space_group_name_H-M   'P 21 21 21'
#
loop_
_entity.id
_entity.type
_entity.pdbx_description
1 polymer 'tRNA pseudouridine synthase D'
2 non-polymer GLYCEROL
3 non-polymer 'PHOSPHATE ION'
4 water water
#
_entity_poly.entity_id   1
_entity_poly.type   'polypeptide(L)'
_entity_poly.pdbx_seq_one_letter_code
;GSSHHHHHHSSGLVPRGSH(MSE)IEFDNLTYLHGKPQGTGLLKANPEDFVVVEDLGFEPDGEGEHILVRILKNGCNTRF
VADALAKFLKIHAREVSFAGQKDKHAVTEQWLCARVPGKE(MSE)PDLSAFQLEGCQVLEYARHKRKLRLGALKGNAFTL
VLREVSNRDDVEQRLIDICVKGVPNYFGAQRFGIGGSNLQGAQRWAQTNTPVRDRNKRSFWLSAARSALFNQIVAERLKK
ADVNQVVDGDALQLAGRGSWFVATTEELAELQRRVNDKEL(MSE)ITAALPGSGEWGTQREALAFEQAAVAAETELQALL
VREKVEAARRA(MSE)LLYPQQLSWNWWDDVTVEIRFWLPAGSFATSVVRELINTTGDYAHIAE
;
_entity_poly.pdbx_strand_id   A,B
#
loop_
_chem_comp.id
_chem_comp.type
_chem_comp.name
_chem_comp.formula
GOL non-polymer GLYCEROL 'C3 H8 O3'
PO4 non-polymer 'PHOSPHATE ION' 'O4 P -3'
#
# COMPACT_ATOMS: atom_id res chain seq x y z
N HIS A 19 14.66 -17.51 10.73
CA HIS A 19 13.64 -18.21 11.56
C HIS A 19 12.22 -17.81 11.15
N MSE A 20 11.57 -17.03 12.01
CA MSE A 20 10.21 -16.57 11.76
C MSE A 20 10.18 -15.14 11.23
O MSE A 20 10.99 -14.30 11.64
CB MSE A 20 9.41 -16.68 13.06
CG MSE A 20 8.05 -16.04 13.05
SE MSE A 20 6.92 -16.92 14.34
CE MSE A 20 5.68 -17.68 13.08
N ILE A 21 9.25 -14.87 10.33
CA ILE A 21 9.14 -13.53 9.75
C ILE A 21 8.93 -12.47 10.84
N GLU A 22 9.78 -11.45 10.83
CA GLU A 22 9.70 -10.37 11.80
C GLU A 22 8.57 -9.41 11.44
N PHE A 23 7.93 -8.85 12.46
CA PHE A 23 6.81 -7.93 12.28
C PHE A 23 7.06 -6.92 11.16
N ASP A 24 8.16 -6.18 11.25
CA ASP A 24 8.45 -5.18 10.24
C ASP A 24 8.67 -5.72 8.84
N ASN A 25 8.87 -7.03 8.72
N ASN A 25 8.87 -7.03 8.71
CA ASN A 25 9.08 -7.63 7.41
CA ASN A 25 9.09 -7.64 7.40
C ASN A 25 7.84 -8.34 6.88
C ASN A 25 7.83 -8.33 6.87
N LEU A 26 6.72 -8.21 7.61
CA LEU A 26 5.47 -8.83 7.18
C LEU A 26 5.04 -8.16 5.86
N THR A 27 4.63 -8.97 4.90
CA THR A 27 4.21 -8.46 3.60
C THR A 27 3.13 -7.39 3.69
N TYR A 28 3.18 -6.43 2.77
CA TYR A 28 2.20 -5.35 2.68
C TYR A 28 1.25 -5.67 1.53
N LEU A 29 -0.03 -5.32 1.68
CA LEU A 29 -1.00 -5.57 0.62
C LEU A 29 -0.80 -4.52 -0.48
N HIS A 30 -0.58 -3.28 -0.05
CA HIS A 30 -0.40 -2.18 -0.98
C HIS A 30 1.07 -1.80 -1.13
N GLY A 31 1.96 -2.68 -0.69
CA GLY A 31 3.36 -2.38 -0.75
C GLY A 31 3.71 -1.42 0.37
N LYS A 32 4.96 -1.44 0.81
CA LYS A 32 5.39 -0.55 1.87
C LYS A 32 5.19 0.92 1.47
N PRO A 33 4.63 1.75 2.38
CA PRO A 33 4.38 3.18 2.13
C PRO A 33 5.63 3.99 1.70
N GLN A 34 5.42 5.05 0.94
CA GLN A 34 6.53 5.91 0.49
C GLN A 34 6.46 7.25 1.20
N GLY A 35 6.28 7.20 2.51
CA GLY A 35 6.19 8.40 3.31
C GLY A 35 6.10 8.00 4.77
N THR A 36 6.20 8.98 5.66
CA THR A 36 6.14 8.73 7.09
C THR A 36 5.08 9.61 7.72
N GLY A 37 4.95 9.52 9.04
CA GLY A 37 3.97 10.31 9.76
C GLY A 37 3.97 9.92 11.23
N LEU A 38 3.22 10.64 12.06
CA LEU A 38 3.16 10.34 13.48
C LEU A 38 1.79 9.82 13.89
N LEU A 39 1.80 8.72 14.62
CA LEU A 39 0.57 8.12 15.12
C LEU A 39 0.51 8.33 16.63
N LYS A 40 -0.64 8.77 17.12
CA LYS A 40 -0.84 8.97 18.54
C LYS A 40 0.17 9.94 19.18
N ALA A 41 0.40 11.10 18.55
CA ALA A 41 1.33 12.08 19.12
C ALA A 41 0.88 12.39 20.55
N ASN A 42 -0.42 12.56 20.71
CA ASN A 42 -1.02 12.83 22.01
C ASN A 42 -2.26 11.96 22.10
N PRO A 43 -2.74 11.71 23.33
CA PRO A 43 -3.93 10.88 23.52
C PRO A 43 -5.13 11.34 22.69
N GLU A 44 -5.23 12.65 22.45
CA GLU A 44 -6.35 13.19 21.68
C GLU A 44 -6.34 12.82 20.20
N ASP A 45 -5.17 12.42 19.69
CA ASP A 45 -5.07 12.05 18.30
C ASP A 45 -5.49 10.59 18.08
N PHE A 46 -5.86 9.91 19.16
CA PHE A 46 -6.28 8.51 19.06
C PHE A 46 -7.54 8.30 19.89
N VAL A 47 -8.69 8.48 19.25
CA VAL A 47 -9.98 8.33 19.92
C VAL A 47 -10.60 6.97 19.58
N VAL A 48 -10.91 6.19 20.62
CA VAL A 48 -11.50 4.88 20.44
C VAL A 48 -12.85 4.80 21.17
N VAL A 49 -13.91 4.54 20.41
CA VAL A 49 -15.24 4.43 21.00
C VAL A 49 -15.75 2.99 20.92
N GLU A 50 -15.88 2.36 22.09
CA GLU A 50 -16.33 0.97 22.16
C GLU A 50 -17.75 0.74 21.67
N ASP A 51 -17.91 -0.33 20.91
CA ASP A 51 -19.22 -0.70 20.38
C ASP A 51 -19.61 -2.05 20.99
N LEU A 52 -20.65 -2.04 21.84
CA LEU A 52 -21.13 -3.27 22.48
C LEU A 52 -21.85 -4.17 21.49
N GLY A 53 -22.43 -3.56 20.46
CA GLY A 53 -23.15 -4.33 19.47
C GLY A 53 -24.61 -4.46 19.86
N PHE A 54 -25.00 -3.71 20.88
CA PHE A 54 -26.38 -3.72 21.38
C PHE A 54 -26.58 -2.59 22.38
N GLU A 55 -27.83 -2.21 22.60
CA GLU A 55 -28.18 -1.18 23.56
C GLU A 55 -28.48 -1.90 24.88
N PRO A 56 -28.24 -1.25 26.03
CA PRO A 56 -28.54 -1.92 27.29
C PRO A 56 -30.01 -2.27 27.41
N ASP A 57 -30.32 -3.34 28.13
CA ASP A 57 -31.71 -3.78 28.29
C ASP A 57 -32.56 -2.73 29.00
N GLY A 58 -31.94 -1.93 29.86
CA GLY A 58 -32.69 -0.93 30.58
C GLY A 58 -33.34 -1.55 31.79
N GLU A 59 -32.84 -2.73 32.18
CA GLU A 59 -33.34 -3.45 33.33
C GLU A 59 -32.29 -4.53 33.62
N GLY A 60 -32.24 -5.00 34.86
CA GLY A 60 -31.27 -6.02 35.23
C GLY A 60 -30.47 -5.62 36.46
N GLU A 61 -29.79 -6.58 37.07
CA GLU A 61 -29.00 -6.31 38.26
C GLU A 61 -27.66 -5.62 37.97
N HIS A 62 -27.35 -5.38 36.70
CA HIS A 62 -26.09 -4.73 36.37
C HIS A 62 -26.31 -3.33 35.80
N ILE A 63 -25.35 -2.45 36.06
CA ILE A 63 -25.42 -1.08 35.56
C ILE A 63 -24.29 -0.82 34.58
N LEU A 64 -24.64 -0.57 33.32
CA LEU A 64 -23.62 -0.27 32.33
C LEU A 64 -23.32 1.21 32.44
N VAL A 65 -22.04 1.55 32.50
CA VAL A 65 -21.64 2.95 32.62
C VAL A 65 -20.62 3.27 31.53
N ARG A 66 -20.97 4.19 30.65
N ARG A 66 -20.97 4.19 30.65
CA ARG A 66 -20.08 4.60 29.58
CA ARG A 66 -20.09 4.59 29.57
C ARG A 66 -19.23 5.76 30.04
C ARG A 66 -19.23 5.77 30.04
N ILE A 67 -17.92 5.56 30.08
CA ILE A 67 -17.00 6.60 30.54
C ILE A 67 -15.91 7.01 29.55
N LEU A 68 -15.78 8.32 29.34
CA LEU A 68 -14.75 8.88 28.48
C LEU A 68 -13.50 8.86 29.35
N LYS A 69 -12.49 8.12 28.92
CA LYS A 69 -11.25 7.95 29.67
C LYS A 69 -10.03 8.57 28.98
N ASN A 70 -9.30 9.41 29.70
CA ASN A 70 -8.12 10.07 29.13
C ASN A 70 -7.00 10.31 30.14
N GLY A 71 -6.01 9.43 30.15
CA GLY A 71 -4.90 9.60 31.07
C GLY A 71 -4.73 8.50 32.10
N CYS A 72 -5.62 7.51 32.07
CA CYS A 72 -5.53 6.40 33.01
C CYS A 72 -6.08 5.17 32.33
N ASN A 73 -5.86 4.00 32.94
CA ASN A 73 -6.33 2.76 32.34
C ASN A 73 -7.64 2.25 32.90
N THR A 74 -8.21 1.26 32.21
CA THR A 74 -9.48 0.65 32.59
C THR A 74 -9.53 0.18 34.03
N ARG A 75 -8.75 -0.85 34.33
CA ARG A 75 -8.70 -1.42 35.69
C ARG A 75 -8.75 -0.32 36.75
N PHE A 76 -7.99 0.74 36.51
CA PHE A 76 -7.93 1.86 37.43
C PHE A 76 -9.30 2.51 37.61
N VAL A 77 -9.95 2.84 36.49
CA VAL A 77 -11.27 3.47 36.55
C VAL A 77 -12.29 2.51 37.15
N ALA A 78 -12.11 1.22 36.90
CA ALA A 78 -13.03 0.22 37.42
C ALA A 78 -12.95 0.14 38.95
N ASP A 79 -11.73 0.23 39.49
CA ASP A 79 -11.57 0.17 40.94
C ASP A 79 -12.15 1.45 41.54
N ALA A 80 -12.00 2.56 40.83
CA ALA A 80 -12.51 3.84 41.27
C ALA A 80 -14.05 3.85 41.27
N LEU A 81 -14.65 3.11 40.34
CA LEU A 81 -16.10 3.07 40.27
C LEU A 81 -16.57 2.20 41.42
N ALA A 82 -15.86 1.10 41.64
CA ALA A 82 -16.19 0.17 42.73
C ALA A 82 -16.23 0.90 44.07
N LYS A 83 -15.27 1.79 44.27
CA LYS A 83 -15.19 2.56 45.51
C LYS A 83 -16.43 3.44 45.63
N PHE A 84 -16.66 4.25 44.61
CA PHE A 84 -17.79 5.16 44.58
C PHE A 84 -19.12 4.46 44.86
N LEU A 85 -19.27 3.25 44.35
CA LEU A 85 -20.50 2.48 44.53
C LEU A 85 -20.46 1.59 45.77
N LYS A 86 -19.36 1.65 46.51
CA LYS A 86 -19.22 0.84 47.72
C LYS A 86 -19.37 -0.65 47.48
N ILE A 87 -18.82 -1.14 46.37
CA ILE A 87 -18.90 -2.56 46.06
C ILE A 87 -17.49 -3.16 45.85
N HIS A 88 -17.41 -4.49 45.79
CA HIS A 88 -16.14 -5.17 45.60
C HIS A 88 -15.60 -4.87 44.20
N ALA A 89 -14.32 -4.53 44.12
CA ALA A 89 -13.68 -4.20 42.85
C ALA A 89 -14.02 -5.21 41.75
N ARG A 90 -14.10 -6.48 42.11
CA ARG A 90 -14.42 -7.53 41.13
C ARG A 90 -15.88 -7.54 40.70
N GLU A 91 -16.64 -6.57 41.15
CA GLU A 91 -18.05 -6.47 40.78
C GLU A 91 -18.18 -5.52 39.59
N VAL A 92 -17.06 -4.90 39.23
CA VAL A 92 -17.01 -3.99 38.10
C VAL A 92 -16.25 -4.70 36.99
N SER A 93 -16.94 -4.99 35.90
CA SER A 93 -16.35 -5.69 34.77
C SER A 93 -16.32 -4.78 33.55
N PHE A 94 -15.67 -5.26 32.50
CA PHE A 94 -15.56 -4.53 31.25
C PHE A 94 -15.21 -5.49 30.12
N ALA A 95 -15.69 -5.16 28.91
CA ALA A 95 -15.46 -6.01 27.75
C ALA A 95 -14.08 -5.83 27.11
N GLY A 96 -13.55 -4.63 27.17
CA GLY A 96 -12.25 -4.40 26.57
C GLY A 96 -11.33 -3.45 27.35
N GLN A 97 -10.12 -3.90 27.61
CA GLN A 97 -9.12 -3.10 28.33
C GLN A 97 -8.54 -2.01 27.40
N LYS A 98 -8.09 -0.89 27.98
CA LYS A 98 -7.50 0.21 27.22
C LYS A 98 -6.49 0.92 28.12
N ASP A 99 -5.46 1.54 27.53
CA ASP A 99 -4.44 2.24 28.33
C ASP A 99 -4.52 3.76 28.29
N LYS A 100 -3.68 4.39 29.11
CA LYS A 100 -3.62 5.85 29.24
C LYS A 100 -3.40 6.61 27.95
N HIS A 101 -2.40 6.17 27.19
CA HIS A 101 -1.99 6.81 25.94
C HIS A 101 -3.03 7.13 24.87
N ALA A 102 -4.28 6.75 25.10
CA ALA A 102 -5.33 7.04 24.14
C ALA A 102 -6.60 7.49 24.84
N VAL A 103 -7.49 8.15 24.09
CA VAL A 103 -8.75 8.60 24.64
C VAL A 103 -9.79 7.55 24.30
N THR A 104 -10.39 6.95 25.31
CA THR A 104 -11.36 5.89 25.09
C THR A 104 -12.72 6.04 25.76
N GLU A 105 -13.78 5.87 24.98
CA GLU A 105 -15.13 5.90 25.51
C GLU A 105 -15.41 4.43 25.77
N GLN A 106 -15.24 4.03 27.02
CA GLN A 106 -15.41 2.64 27.40
C GLN A 106 -16.63 2.38 28.27
N TRP A 107 -17.09 1.13 28.22
CA TRP A 107 -18.22 0.72 29.02
C TRP A 107 -17.74 -0.06 30.22
N LEU A 108 -18.28 0.24 31.38
CA LEU A 108 -17.93 -0.49 32.59
C LEU A 108 -19.23 -1.11 33.08
N CYS A 109 -19.14 -2.24 33.77
CA CYS A 109 -20.33 -2.92 34.25
C CYS A 109 -20.25 -3.16 35.76
N ALA A 110 -21.24 -2.63 36.48
CA ALA A 110 -21.28 -2.78 37.93
C ALA A 110 -22.53 -3.53 38.38
N ARG A 111 -22.32 -4.58 39.18
CA ARG A 111 -23.43 -5.34 39.68
C ARG A 111 -24.01 -4.66 40.93
N VAL A 112 -25.18 -4.06 40.76
CA VAL A 112 -25.86 -3.40 41.88
C VAL A 112 -27.32 -3.84 41.80
N PRO A 113 -27.64 -4.98 42.43
CA PRO A 113 -29.00 -5.50 42.44
C PRO A 113 -30.07 -4.47 42.74
N GLY A 114 -31.29 -4.75 42.28
CA GLY A 114 -32.38 -3.83 42.51
C GLY A 114 -32.77 -3.09 41.26
N LYS A 115 -33.59 -2.06 41.44
CA LYS A 115 -34.06 -1.26 40.32
C LYS A 115 -33.62 0.19 40.44
N GLU A 116 -33.22 0.59 41.63
N GLU A 116 -33.21 0.57 41.63
CA GLU A 116 -32.77 1.95 41.87
CA GLU A 116 -32.73 1.94 41.88
C GLU A 116 -31.53 2.28 41.06
C GLU A 116 -31.52 2.27 41.04
N MSE A 117 -31.45 3.52 40.60
CA MSE A 117 -30.32 3.97 39.79
C MSE A 117 -29.45 4.98 40.52
O MSE A 117 -29.84 6.15 40.67
CB MSE A 117 -30.83 4.62 38.49
CG MSE A 117 -30.88 3.67 37.30
SE MSE A 117 -29.10 3.15 36.71
CE MSE A 117 -28.04 4.54 37.53
N PRO A 118 -28.27 4.57 40.99
CA PRO A 118 -27.38 5.48 41.70
C PRO A 118 -27.02 6.70 40.85
N ASP A 119 -26.73 7.82 41.52
CA ASP A 119 -26.39 9.06 40.82
C ASP A 119 -24.94 9.10 40.36
N LEU A 120 -24.67 8.56 39.19
CA LEU A 120 -23.31 8.57 38.66
C LEU A 120 -23.01 9.94 38.07
N SER A 121 -23.40 10.97 38.80
CA SER A 121 -23.16 12.35 38.38
C SER A 121 -22.29 13.01 39.43
N ALA A 122 -22.04 12.27 40.50
CA ALA A 122 -21.19 12.76 41.60
C ALA A 122 -19.84 12.07 41.46
N PHE A 123 -19.81 10.97 40.73
CA PHE A 123 -18.59 10.21 40.50
C PHE A 123 -17.71 11.03 39.56
N GLN A 124 -16.77 11.76 40.14
CA GLN A 124 -15.87 12.59 39.35
C GLN A 124 -14.42 12.21 39.55
N LEU A 125 -13.89 11.46 38.59
CA LEU A 125 -12.49 11.02 38.64
C LEU A 125 -11.70 11.92 37.70
N GLU A 126 -10.45 12.18 38.06
CA GLU A 126 -9.59 13.03 37.24
C GLU A 126 -9.36 12.42 35.87
N GLY A 127 -9.67 13.19 34.83
CA GLY A 127 -9.47 12.72 33.47
C GLY A 127 -10.61 11.92 32.87
N CYS A 128 -11.58 11.54 33.69
CA CYS A 128 -12.72 10.77 33.20
C CYS A 128 -13.99 11.61 33.13
N GLN A 129 -15.00 11.06 32.48
CA GLN A 129 -16.26 11.76 32.32
C GLN A 129 -17.36 10.74 32.02
N VAL A 130 -18.35 10.64 32.91
CA VAL A 130 -19.45 9.70 32.71
C VAL A 130 -20.36 10.24 31.62
N LEU A 131 -20.51 9.48 30.54
CA LEU A 131 -21.34 9.89 29.41
C LEU A 131 -22.78 9.41 29.46
N GLU A 132 -22.98 8.23 30.02
CA GLU A 132 -24.33 7.67 30.11
C GLU A 132 -24.30 6.39 30.92
N TYR A 133 -25.48 5.91 31.29
CA TYR A 133 -25.59 4.68 32.06
C TYR A 133 -27.00 4.13 32.09
N ALA A 134 -27.11 2.80 32.11
CA ALA A 134 -28.40 2.14 32.12
C ALA A 134 -28.23 0.72 32.63
N ARG A 135 -29.28 0.16 33.22
CA ARG A 135 -29.20 -1.19 33.72
C ARG A 135 -29.20 -2.20 32.60
N HIS A 136 -28.63 -3.36 32.87
CA HIS A 136 -28.55 -4.42 31.89
C HIS A 136 -28.62 -5.73 32.64
N LYS A 137 -29.06 -6.79 31.97
CA LYS A 137 -29.20 -8.08 32.62
C LYS A 137 -27.92 -8.90 32.70
N ARG A 138 -27.18 -8.96 31.60
CA ARG A 138 -25.95 -9.73 31.56
C ARG A 138 -24.71 -8.93 31.97
N LYS A 139 -23.74 -9.64 32.54
CA LYS A 139 -22.49 -9.05 32.96
C LYS A 139 -21.64 -8.78 31.71
N LEU A 140 -20.82 -7.73 31.75
CA LEU A 140 -19.95 -7.42 30.64
C LEU A 140 -18.69 -8.28 30.81
N ARG A 141 -18.26 -8.95 29.74
CA ARG A 141 -17.09 -9.81 29.81
C ARG A 141 -16.01 -9.43 28.81
N LEU A 142 -14.76 -9.70 29.17
CA LEU A 142 -13.62 -9.41 28.30
C LEU A 142 -13.80 -10.05 26.94
N GLY A 143 -13.50 -9.30 25.90
CA GLY A 143 -13.62 -9.79 24.54
C GLY A 143 -15.03 -9.84 23.98
N ALA A 144 -16.00 -9.42 24.77
CA ALA A 144 -17.40 -9.45 24.33
C ALA A 144 -17.78 -8.29 23.40
N LEU A 145 -16.89 -7.31 23.25
CA LEU A 145 -17.15 -6.17 22.39
C LEU A 145 -17.42 -6.61 20.95
N LYS A 146 -18.28 -5.88 20.23
CA LYS A 146 -18.55 -6.19 18.84
C LYS A 146 -17.46 -5.51 18.00
N GLY A 147 -17.04 -4.33 18.44
CA GLY A 147 -16.03 -3.57 17.71
C GLY A 147 -15.70 -2.22 18.32
N ASN A 148 -14.96 -1.42 17.57
CA ASN A 148 -14.55 -0.08 18.02
C ASN A 148 -14.55 0.91 16.86
N ALA A 149 -14.94 2.14 17.14
CA ALA A 149 -14.95 3.19 16.12
C ALA A 149 -13.75 4.07 16.45
N PHE A 150 -12.89 4.31 15.46
CA PHE A 150 -11.69 5.12 15.71
C PHE A 150 -11.68 6.46 15.01
N THR A 151 -11.00 7.42 15.61
CA THR A 151 -10.84 8.73 15.01
C THR A 151 -9.37 9.03 15.29
N LEU A 152 -8.57 9.01 14.23
CA LEU A 152 -7.13 9.23 14.38
C LEU A 152 -6.65 10.44 13.63
N VAL A 153 -5.64 11.08 14.19
CA VAL A 153 -5.03 12.23 13.55
C VAL A 153 -3.58 11.89 13.25
N LEU A 154 -3.26 11.74 11.98
CA LEU A 154 -1.89 11.44 11.57
C LEU A 154 -1.22 12.77 11.32
N ARG A 155 -0.13 13.04 12.03
CA ARG A 155 0.59 14.30 11.90
C ARG A 155 1.95 14.18 11.20
N GLU A 156 2.42 15.31 10.65
CA GLU A 156 3.70 15.36 9.97
C GLU A 156 3.78 14.33 8.85
N VAL A 157 2.71 14.24 8.07
CA VAL A 157 2.65 13.33 6.95
C VAL A 157 3.54 13.91 5.86
N SER A 158 4.54 13.15 5.45
CA SER A 158 5.50 13.60 4.43
C SER A 158 5.07 13.37 2.99
N ASN A 159 4.08 12.53 2.77
CA ASN A 159 3.65 12.23 1.41
C ASN A 159 2.13 12.07 1.30
N ARG A 160 1.43 13.20 1.33
CA ARG A 160 -0.02 13.21 1.24
C ARG A 160 -0.56 12.40 0.07
N ASP A 161 -0.03 12.64 -1.13
CA ASP A 161 -0.48 11.91 -2.31
C ASP A 161 -0.45 10.41 -2.07
N ASP A 162 0.63 9.92 -1.45
CA ASP A 162 0.74 8.50 -1.18
C ASP A 162 -0.37 8.07 -0.23
N VAL A 163 -0.53 8.82 0.86
CA VAL A 163 -1.56 8.51 1.85
C VAL A 163 -2.96 8.55 1.25
N GLU A 164 -3.22 9.57 0.43
N GLU A 164 -3.22 9.57 0.43
CA GLU A 164 -4.53 9.72 -0.21
CA GLU A 164 -4.52 9.71 -0.21
C GLU A 164 -4.87 8.49 -1.05
C GLU A 164 -4.86 8.48 -1.04
N GLN A 165 -3.93 8.10 -1.92
CA GLN A 165 -4.15 6.94 -2.78
C GLN A 165 -4.32 5.66 -1.96
N ARG A 166 -3.52 5.53 -0.90
CA ARG A 166 -3.61 4.34 -0.05
C ARG A 166 -4.96 4.29 0.67
N LEU A 167 -5.47 5.44 1.10
CA LEU A 167 -6.77 5.44 1.76
C LEU A 167 -7.80 4.94 0.75
N ILE A 168 -7.68 5.41 -0.49
CA ILE A 168 -8.60 5.01 -1.55
C ILE A 168 -8.46 3.53 -1.86
N ASP A 169 -7.22 3.04 -1.92
CA ASP A 169 -7.01 1.62 -2.21
C ASP A 169 -7.56 0.75 -1.09
N ILE A 170 -7.42 1.21 0.15
CA ILE A 170 -7.91 0.45 1.30
C ILE A 170 -9.44 0.35 1.26
N CYS A 171 -10.11 1.41 0.80
CA CYS A 171 -11.58 1.39 0.69
C CYS A 171 -12.00 0.22 -0.17
N VAL A 172 -11.27 0.02 -1.26
CA VAL A 172 -11.55 -1.05 -2.19
C VAL A 172 -11.05 -2.42 -1.76
N LYS A 173 -9.75 -2.49 -1.44
CA LYS A 173 -9.12 -3.77 -1.07
C LYS A 173 -8.89 -4.11 0.40
N GLY A 174 -9.00 -3.14 1.29
CA GLY A 174 -8.78 -3.39 2.71
C GLY A 174 -7.30 -3.49 3.06
N VAL A 175 -6.99 -4.09 4.21
CA VAL A 175 -5.61 -4.27 4.66
C VAL A 175 -5.45 -5.65 5.29
N PRO A 176 -4.22 -6.15 5.38
CA PRO A 176 -3.99 -7.46 5.99
C PRO A 176 -4.47 -7.36 7.45
N ASN A 177 -5.24 -8.34 7.91
CA ASN A 177 -5.76 -8.34 9.27
C ASN A 177 -4.74 -8.83 10.33
N TYR A 178 -3.53 -8.30 10.27
CA TYR A 178 -2.47 -8.68 11.21
C TYR A 178 -2.74 -8.33 12.65
N PHE A 179 -2.16 -9.11 13.56
CA PHE A 179 -2.24 -8.81 14.99
C PHE A 179 -1.16 -7.76 15.13
N GLY A 180 -1.49 -6.64 15.78
CA GLY A 180 -0.52 -5.58 15.95
C GLY A 180 0.58 -5.96 16.92
N ALA A 181 1.67 -5.19 16.90
CA ALA A 181 2.81 -5.44 17.76
C ALA A 181 2.43 -5.58 19.24
N GLN A 182 1.50 -4.76 19.70
CA GLN A 182 1.05 -4.81 21.08
C GLN A 182 0.73 -6.22 21.54
N ARG A 183 0.31 -7.07 20.60
CA ARG A 183 -0.04 -8.46 20.90
C ARG A 183 1.16 -9.30 21.35
N PHE A 184 2.37 -8.83 21.04
CA PHE A 184 3.56 -9.58 21.37
C PHE A 184 4.30 -9.09 22.62
N GLY A 185 3.64 -8.24 23.39
CA GLY A 185 4.23 -7.72 24.62
C GLY A 185 5.30 -6.67 24.43
N ILE A 186 5.61 -5.93 25.48
CA ILE A 186 6.63 -4.89 25.39
C ILE A 186 7.96 -5.55 25.01
N GLY A 187 8.67 -4.96 24.05
CA GLY A 187 9.93 -5.52 23.60
C GLY A 187 9.78 -6.88 22.94
N GLY A 188 8.54 -7.31 22.68
CA GLY A 188 8.31 -8.59 22.06
C GLY A 188 8.48 -9.74 23.04
N SER A 189 8.41 -9.41 24.33
CA SER A 189 8.58 -10.39 25.40
C SER A 189 7.60 -11.56 25.43
N ASN A 190 6.36 -11.34 24.98
CA ASN A 190 5.40 -12.45 25.00
C ASN A 190 5.73 -13.55 23.98
N LEU A 191 6.22 -13.16 22.80
CA LEU A 191 6.57 -14.15 21.80
C LEU A 191 7.88 -14.81 22.27
N GLN A 192 8.78 -13.99 22.79
CA GLN A 192 10.06 -14.47 23.30
C GLN A 192 9.75 -15.51 24.39
N GLY A 193 8.87 -15.14 25.32
CA GLY A 193 8.50 -16.05 26.38
C GLY A 193 7.89 -17.35 25.88
N ALA A 194 7.14 -17.25 24.80
CA ALA A 194 6.50 -18.43 24.21
C ALA A 194 7.56 -19.33 23.59
N GLN A 195 8.50 -18.71 22.88
CA GLN A 195 9.57 -19.46 22.23
C GLN A 195 10.50 -20.15 23.23
N ARG A 196 10.84 -19.48 24.31
CA ARG A 196 11.70 -20.08 25.32
C ARG A 196 10.94 -21.23 25.97
N TRP A 197 9.67 -20.99 26.26
CA TRP A 197 8.83 -22.00 26.88
C TRP A 197 8.64 -23.22 25.97
N ALA A 198 8.48 -22.99 24.68
CA ALA A 198 8.29 -24.08 23.72
C ALA A 198 9.46 -25.05 23.69
N GLN A 199 10.65 -24.59 24.05
CA GLN A 199 11.82 -25.44 24.05
C GLN A 199 11.95 -26.35 25.27
N THR A 200 11.10 -26.16 26.26
CA THR A 200 11.14 -26.99 27.46
C THR A 200 9.77 -27.59 27.75
N ASN A 201 9.75 -28.67 28.53
CA ASN A 201 8.50 -29.33 28.88
C ASN A 201 7.97 -28.72 30.18
N THR A 202 8.76 -27.83 30.76
CA THR A 202 8.39 -27.14 31.99
C THR A 202 7.05 -26.45 31.84
N PRO A 203 6.17 -26.57 32.86
CA PRO A 203 4.86 -25.94 32.78
C PRO A 203 5.01 -24.47 33.17
N VAL A 204 3.93 -23.71 33.08
CA VAL A 204 3.97 -22.30 33.44
C VAL A 204 3.03 -21.99 34.60
N ARG A 205 3.61 -21.43 35.66
CA ARG A 205 2.87 -21.08 36.87
C ARG A 205 1.77 -20.05 36.62
N ASP A 206 2.18 -18.80 36.54
CA ASP A 206 1.24 -17.70 36.31
C ASP A 206 0.32 -17.96 35.13
N ARG A 207 -0.99 -17.87 35.38
CA ARG A 207 -1.99 -18.09 34.34
C ARG A 207 -1.98 -16.95 33.34
N ASN A 208 -1.70 -15.74 33.83
CA ASN A 208 -1.65 -14.57 32.96
C ASN A 208 -0.52 -14.73 31.97
N LYS A 209 0.60 -15.29 32.43
CA LYS A 209 1.74 -15.51 31.56
C LYS A 209 1.39 -16.56 30.51
N ARG A 210 0.69 -17.61 30.94
CA ARG A 210 0.29 -18.69 30.04
C ARG A 210 -0.48 -18.13 28.84
N SER A 211 -1.54 -17.39 29.13
CA SER A 211 -2.38 -16.79 28.09
C SER A 211 -1.59 -15.86 27.17
N PHE A 212 -0.90 -14.87 27.75
CA PHE A 212 -0.14 -13.94 26.94
C PHE A 212 0.85 -14.64 26.02
N TRP A 213 1.46 -15.70 26.52
CA TRP A 213 2.43 -16.45 25.73
C TRP A 213 1.81 -17.29 24.63
N LEU A 214 0.78 -18.07 24.98
CA LEU A 214 0.12 -18.89 23.98
C LEU A 214 -0.50 -17.98 22.93
N SER A 215 -1.04 -16.86 23.38
CA SER A 215 -1.67 -15.91 22.49
C SER A 215 -0.65 -15.33 21.51
N ALA A 216 0.52 -14.93 22.02
CA ALA A 216 1.55 -14.37 21.17
C ALA A 216 2.06 -15.39 20.13
N ALA A 217 2.15 -16.65 20.52
CA ALA A 217 2.63 -17.69 19.63
C ALA A 217 1.65 -17.93 18.48
N ARG A 218 0.37 -18.10 18.82
CA ARG A 218 -0.62 -18.34 17.79
C ARG A 218 -0.79 -17.12 16.90
N SER A 219 -0.71 -15.93 17.49
CA SER A 219 -0.89 -14.71 16.71
C SER A 219 0.26 -14.53 15.75
N ALA A 220 1.47 -14.88 16.18
CA ALA A 220 2.63 -14.76 15.32
C ALA A 220 2.53 -15.73 14.14
N LEU A 221 2.01 -16.93 14.39
CA LEU A 221 1.90 -17.93 13.32
C LEU A 221 0.89 -17.48 12.27
N PHE A 222 -0.23 -16.94 12.74
CA PHE A 222 -1.27 -16.42 11.86
C PHE A 222 -0.70 -15.32 10.98
N ASN A 223 0.02 -14.38 11.60
CA ASN A 223 0.63 -13.26 10.87
C ASN A 223 1.57 -13.79 9.78
N GLN A 224 2.29 -14.86 10.10
CA GLN A 224 3.21 -15.42 9.11
C GLN A 224 2.46 -16.10 7.96
N ILE A 225 1.36 -16.78 8.28
CA ILE A 225 0.62 -17.43 7.21
C ILE A 225 0.05 -16.36 6.27
N VAL A 226 -0.48 -15.28 6.83
CA VAL A 226 -1.01 -14.22 5.99
C VAL A 226 0.11 -13.59 5.15
N ALA A 227 1.25 -13.33 5.77
CA ALA A 227 2.39 -12.75 5.04
C ALA A 227 2.75 -13.63 3.84
N GLU A 228 2.74 -14.95 4.05
CA GLU A 228 3.06 -15.86 2.96
C GLU A 228 2.03 -15.80 1.85
N ARG A 229 0.76 -15.87 2.25
CA ARG A 229 -0.34 -15.84 1.31
C ARG A 229 -0.37 -14.57 0.46
N LEU A 230 0.03 -13.46 1.05
CA LEU A 230 0.04 -12.19 0.32
C LEU A 230 1.10 -12.18 -0.77
N LYS A 231 1.99 -13.17 -0.78
CA LYS A 231 3.03 -13.25 -1.79
C LYS A 231 2.52 -13.89 -3.09
N LYS A 232 1.28 -14.39 -3.07
CA LYS A 232 0.68 -15.02 -4.26
C LYS A 232 0.28 -13.96 -5.29
N ALA A 233 0.07 -14.40 -6.53
CA ALA A 233 -0.33 -13.51 -7.61
C ALA A 233 -1.68 -12.86 -7.28
N ASP A 234 -2.66 -13.68 -6.91
CA ASP A 234 -3.97 -13.14 -6.56
C ASP A 234 -4.25 -13.44 -5.10
N VAL A 235 -4.16 -12.39 -4.28
CA VAL A 235 -4.36 -12.48 -2.85
C VAL A 235 -5.73 -13.04 -2.43
N ASN A 236 -6.79 -12.53 -3.05
CA ASN A 236 -8.13 -12.98 -2.70
C ASN A 236 -8.65 -14.11 -3.56
N GLN A 237 -7.74 -14.94 -4.07
CA GLN A 237 -8.14 -16.06 -4.90
C GLN A 237 -8.47 -17.26 -4.02
N VAL A 238 -9.72 -17.72 -4.12
CA VAL A 238 -10.16 -18.87 -3.35
C VAL A 238 -9.62 -20.17 -3.94
N VAL A 239 -9.14 -21.06 -3.09
CA VAL A 239 -8.64 -22.34 -3.57
C VAL A 239 -9.36 -23.47 -2.85
N ASP A 240 -9.37 -24.65 -3.47
CA ASP A 240 -10.02 -25.81 -2.90
C ASP A 240 -9.50 -26.07 -1.50
N GLY A 241 -10.41 -26.28 -0.55
CA GLY A 241 -10.02 -26.55 0.82
C GLY A 241 -9.91 -25.30 1.69
N ASP A 242 -10.09 -24.12 1.11
CA ASP A 242 -10.02 -22.88 1.88
C ASP A 242 -11.16 -22.86 2.90
N ALA A 243 -10.94 -22.14 4.00
CA ALA A 243 -11.95 -22.01 5.04
C ALA A 243 -12.50 -20.59 4.93
N LEU A 244 -13.71 -20.45 4.38
CA LEU A 244 -14.33 -19.15 4.18
C LEU A 244 -15.31 -18.77 5.31
N GLN A 245 -15.11 -17.58 5.86
CA GLN A 245 -15.93 -17.09 6.95
C GLN A 245 -16.94 -16.06 6.48
N LEU A 246 -18.16 -16.16 6.99
CA LEU A 246 -19.19 -15.22 6.63
C LEU A 246 -18.85 -13.87 7.26
N ALA A 247 -19.01 -12.80 6.49
CA ALA A 247 -18.72 -11.45 6.96
C ALA A 247 -19.50 -11.12 8.23
N GLY A 248 -18.80 -10.62 9.23
CA GLY A 248 -19.48 -10.24 10.45
C GLY A 248 -19.67 -11.32 11.51
N ARG A 249 -19.31 -12.56 11.21
CA ARG A 249 -19.45 -13.59 12.23
C ARG A 249 -18.40 -14.68 12.20
N GLY A 250 -18.45 -15.57 13.18
CA GLY A 250 -17.45 -16.61 13.26
C GLY A 250 -17.63 -17.81 12.34
N SER A 251 -18.87 -18.10 11.98
CA SER A 251 -19.17 -19.25 11.14
C SER A 251 -18.39 -19.30 9.83
N TRP A 252 -17.80 -20.44 9.54
CA TRP A 252 -17.06 -20.63 8.29
C TRP A 252 -17.27 -22.03 7.71
N PHE A 253 -16.99 -22.19 6.43
CA PHE A 253 -17.15 -23.49 5.79
C PHE A 253 -16.05 -23.70 4.77
N VAL A 254 -15.88 -24.94 4.32
CA VAL A 254 -14.81 -25.29 3.39
C VAL A 254 -15.18 -25.17 1.92
N ALA A 255 -14.31 -24.50 1.16
CA ALA A 255 -14.53 -24.30 -0.27
C ALA A 255 -14.22 -25.59 -1.03
N THR A 256 -14.97 -25.82 -2.09
CA THR A 256 -14.78 -27.00 -2.92
C THR A 256 -14.60 -26.57 -4.37
N THR A 257 -13.84 -27.36 -5.12
CA THR A 257 -13.56 -27.06 -6.51
C THR A 257 -14.83 -26.74 -7.31
N GLU A 258 -15.85 -27.57 -7.16
CA GLU A 258 -17.10 -27.36 -7.88
C GLU A 258 -17.82 -26.07 -7.56
N GLU A 259 -17.49 -25.45 -6.43
CA GLU A 259 -18.15 -24.22 -6.02
C GLU A 259 -17.33 -22.93 -6.17
N LEU A 260 -16.06 -23.06 -6.53
CA LEU A 260 -15.16 -21.90 -6.66
C LEU A 260 -15.66 -20.63 -7.34
N ALA A 261 -16.28 -20.76 -8.52
CA ALA A 261 -16.76 -19.58 -9.22
C ALA A 261 -17.75 -18.77 -8.39
N GLU A 262 -18.66 -19.47 -7.73
CA GLU A 262 -19.68 -18.83 -6.90
C GLU A 262 -19.02 -18.27 -5.62
N LEU A 263 -18.19 -19.09 -5.00
CA LEU A 263 -17.51 -18.68 -3.77
C LEU A 263 -16.62 -17.47 -4.03
N GLN A 264 -15.93 -17.48 -5.16
CA GLN A 264 -15.06 -16.38 -5.53
C GLN A 264 -15.85 -15.09 -5.66
N ARG A 265 -17.06 -15.18 -6.19
CA ARG A 265 -17.87 -13.98 -6.34
C ARG A 265 -18.23 -13.41 -4.98
N ARG A 266 -18.61 -14.29 -4.05
CA ARG A 266 -18.99 -13.84 -2.72
C ARG A 266 -17.78 -13.23 -1.98
N VAL A 267 -16.59 -13.75 -2.25
CA VAL A 267 -15.38 -13.21 -1.64
C VAL A 267 -15.09 -11.84 -2.23
N ASN A 268 -15.20 -11.71 -3.55
CA ASN A 268 -14.95 -10.42 -4.19
C ASN A 268 -15.96 -9.39 -3.75
N ASP A 269 -17.17 -9.86 -3.43
CA ASP A 269 -18.26 -8.99 -2.97
C ASP A 269 -18.17 -8.76 -1.45
N LYS A 270 -17.13 -9.30 -0.84
CA LYS A 270 -16.90 -9.15 0.59
C LYS A 270 -18.00 -9.75 1.49
N GLU A 271 -18.63 -10.81 1.01
CA GLU A 271 -19.67 -11.52 1.75
C GLU A 271 -18.99 -12.63 2.53
N LEU A 272 -17.90 -13.14 1.97
CA LEU A 272 -17.12 -14.20 2.58
C LEU A 272 -15.69 -13.73 2.72
N MSE A 273 -15.03 -14.17 3.80
CA MSE A 273 -13.66 -13.81 4.08
C MSE A 273 -12.74 -15.03 4.00
O MSE A 273 -12.99 -16.03 4.67
CB MSE A 273 -13.53 -13.21 5.48
CG MSE A 273 -14.52 -12.10 5.77
SE MSE A 273 -14.15 -10.54 4.71
CE MSE A 273 -12.61 -9.87 5.69
N ILE A 274 -11.68 -14.95 3.21
CA ILE A 274 -10.72 -16.05 3.17
C ILE A 274 -10.04 -15.94 4.54
N THR A 275 -9.82 -17.08 5.20
CA THR A 275 -9.19 -17.05 6.49
C THR A 275 -7.82 -17.69 6.47
N ALA A 276 -7.08 -17.46 7.55
CA ALA A 276 -5.75 -18.01 7.73
C ALA A 276 -5.87 -18.66 9.10
N ALA A 277 -5.09 -19.70 9.31
CA ALA A 277 -5.12 -20.43 10.56
C ALA A 277 -4.57 -19.75 11.79
N LEU A 278 -5.14 -20.15 12.92
CA LEU A 278 -4.67 -19.75 14.25
C LEU A 278 -4.34 -21.16 14.73
N PRO A 279 -3.10 -21.61 14.51
CA PRO A 279 -2.68 -22.96 14.91
C PRO A 279 -2.96 -23.31 16.36
N GLY A 280 -3.34 -24.57 16.57
CA GLY A 280 -3.64 -25.07 17.89
C GLY A 280 -3.96 -26.55 17.81
N SER A 281 -4.59 -27.10 18.84
CA SER A 281 -4.96 -28.52 18.84
C SER A 281 -6.18 -28.74 17.98
N GLY A 282 -6.35 -29.98 17.49
CA GLY A 282 -7.48 -30.28 16.63
C GLY A 282 -7.13 -29.93 15.20
N GLU A 283 -8.10 -30.03 14.29
CA GLU A 283 -7.88 -29.71 12.89
C GLU A 283 -7.86 -28.19 12.68
N TRP A 284 -6.99 -27.73 11.80
CA TRP A 284 -6.87 -26.30 11.51
C TRP A 284 -8.11 -25.75 10.82
N GLY A 285 -8.79 -26.58 10.04
CA GLY A 285 -10.01 -26.11 9.37
C GLY A 285 -9.94 -26.18 7.86
N THR A 286 -8.81 -25.78 7.30
CA THR A 286 -8.65 -25.82 5.86
C THR A 286 -8.41 -27.28 5.48
N GLN A 287 -8.54 -27.58 4.18
CA GLN A 287 -8.34 -28.94 3.72
C GLN A 287 -7.54 -28.94 2.42
N ARG A 288 -7.09 -30.14 2.04
CA ARG A 288 -6.34 -30.34 0.80
C ARG A 288 -5.30 -29.25 0.53
N GLU A 289 -5.40 -28.67 -0.66
CA GLU A 289 -4.49 -27.63 -1.14
C GLU A 289 -4.25 -26.51 -0.11
N ALA A 290 -5.32 -25.86 0.31
CA ALA A 290 -5.25 -24.77 1.27
C ALA A 290 -4.55 -25.21 2.55
N LEU A 291 -4.91 -26.37 3.07
CA LEU A 291 -4.29 -26.86 4.29
C LEU A 291 -2.79 -27.11 4.08
N ALA A 292 -2.42 -27.68 2.93
CA ALA A 292 -1.01 -27.97 2.65
C ALA A 292 -0.26 -26.65 2.65
N PHE A 293 -0.88 -25.63 2.05
CA PHE A 293 -0.27 -24.31 1.98
C PHE A 293 0.00 -23.73 3.37
N GLU A 294 -1.01 -23.80 4.25
CA GLU A 294 -0.85 -23.25 5.60
C GLU A 294 0.23 -23.98 6.40
N GLN A 295 0.29 -25.30 6.27
CA GLN A 295 1.29 -26.07 6.99
C GLN A 295 2.71 -25.68 6.51
N ALA A 296 2.89 -25.54 5.22
CA ALA A 296 4.20 -25.18 4.69
C ALA A 296 4.58 -23.77 5.14
N ALA A 297 3.60 -22.87 5.14
CA ALA A 297 3.83 -21.48 5.52
C ALA A 297 4.51 -21.33 6.89
N VAL A 298 4.28 -22.27 7.79
CA VAL A 298 4.91 -22.21 9.11
C VAL A 298 5.56 -23.57 9.44
N ALA A 299 5.97 -24.28 8.40
CA ALA A 299 6.59 -25.60 8.56
C ALA A 299 7.76 -25.57 9.53
N ALA A 300 8.59 -24.53 9.47
CA ALA A 300 9.74 -24.42 10.35
C ALA A 300 9.42 -24.06 11.81
N GLU A 301 8.17 -23.75 12.13
CA GLU A 301 7.80 -23.40 13.49
C GLU A 301 7.21 -24.58 14.24
N THR A 302 7.89 -25.73 14.17
CA THR A 302 7.41 -26.94 14.83
C THR A 302 7.29 -26.81 16.34
N GLU A 303 8.26 -26.16 16.97
CA GLU A 303 8.22 -26.00 18.42
C GLU A 303 7.04 -25.15 18.93
N LEU A 304 6.74 -24.05 18.27
CA LEU A 304 5.62 -23.23 18.73
C LEU A 304 4.32 -23.98 18.50
N GLN A 305 4.22 -24.69 17.38
CA GLN A 305 3.02 -25.45 17.07
C GLN A 305 2.76 -26.52 18.12
N ALA A 306 3.81 -27.27 18.47
CA ALA A 306 3.67 -28.33 19.47
C ALA A 306 3.27 -27.74 20.82
N LEU A 307 3.75 -26.54 21.11
CA LEU A 307 3.41 -25.89 22.37
C LEU A 307 1.91 -25.63 22.44
N LEU A 308 1.35 -25.13 21.35
CA LEU A 308 -0.09 -24.84 21.30
C LEU A 308 -0.92 -26.13 21.39
N VAL A 309 -0.53 -27.15 20.66
CA VAL A 309 -1.22 -28.43 20.68
C VAL A 309 -1.17 -28.98 22.11
N ARG A 310 0.04 -29.02 22.64
CA ARG A 310 0.32 -29.49 23.99
C ARG A 310 -0.58 -28.81 25.04
N GLU A 311 -0.73 -27.50 24.94
CA GLU A 311 -1.53 -26.74 25.89
C GLU A 311 -3.02 -26.69 25.59
N LYS A 312 -3.46 -27.53 24.65
CA LYS A 312 -4.86 -27.60 24.28
C LYS A 312 -5.52 -26.29 23.83
N VAL A 313 -4.78 -25.48 23.08
CA VAL A 313 -5.34 -24.23 22.56
C VAL A 313 -5.95 -24.64 21.22
N GLU A 314 -7.27 -24.75 21.17
CA GLU A 314 -7.94 -25.17 19.95
C GLU A 314 -7.61 -24.30 18.74
N ALA A 315 -7.30 -24.94 17.62
CA ALA A 315 -7.01 -24.22 16.38
C ALA A 315 -8.29 -23.46 16.00
N ALA A 316 -8.13 -22.30 15.38
CA ALA A 316 -9.28 -21.49 14.97
C ALA A 316 -9.00 -20.76 13.66
N ARG A 317 -9.99 -19.99 13.22
CA ARG A 317 -9.93 -19.24 11.98
C ARG A 317 -10.02 -17.74 12.25
N ARG A 318 -9.36 -16.96 11.40
CA ARG A 318 -9.35 -15.51 11.50
C ARG A 318 -9.26 -14.98 10.07
N ALA A 319 -10.08 -14.01 9.74
CA ALA A 319 -10.07 -13.43 8.41
C ALA A 319 -8.68 -12.91 8.08
N MSE A 320 -8.22 -13.20 6.87
CA MSE A 320 -6.93 -12.76 6.40
C MSE A 320 -6.93 -11.25 6.14
O MSE A 320 -5.94 -10.57 6.41
CB MSE A 320 -6.61 -13.50 5.10
CG MSE A 320 -5.52 -12.89 4.27
SE MSE A 320 -5.28 -13.92 2.65
CE MSE A 320 -6.63 -13.10 1.53
N LEU A 321 -8.03 -10.74 5.61
CA LEU A 321 -8.13 -9.32 5.31
C LEU A 321 -9.05 -8.59 6.28
N LEU A 322 -8.91 -7.26 6.32
CA LEU A 322 -9.70 -6.41 7.18
C LEU A 322 -10.23 -5.25 6.36
N TYR A 323 -11.54 -5.04 6.37
CA TYR A 323 -12.16 -3.95 5.63
C TYR A 323 -12.66 -2.92 6.63
N PRO A 324 -11.89 -1.85 6.86
CA PRO A 324 -12.38 -0.89 7.84
C PRO A 324 -13.77 -0.41 7.41
N GLN A 325 -14.72 -0.35 8.33
CA GLN A 325 -16.06 0.09 7.98
C GLN A 325 -16.26 1.60 8.15
N GLN A 326 -17.04 2.19 7.25
CA GLN A 326 -17.30 3.63 7.26
C GLN A 326 -15.99 4.41 7.35
N LEU A 327 -15.08 4.10 6.43
CA LEU A 327 -13.78 4.75 6.37
C LEU A 327 -13.95 6.12 5.71
N SER A 328 -13.61 7.18 6.44
CA SER A 328 -13.70 8.52 5.88
C SER A 328 -12.49 9.27 6.42
N TRP A 329 -12.09 10.32 5.75
CA TRP A 329 -10.93 11.08 6.20
C TRP A 329 -10.99 12.54 5.77
N ASN A 330 -10.29 13.38 6.51
CA ASN A 330 -10.30 14.81 6.23
C ASN A 330 -8.92 15.42 6.44
N TRP A 331 -8.37 16.02 5.39
CA TRP A 331 -7.05 16.63 5.47
C TRP A 331 -7.13 18.04 6.02
N TRP A 332 -6.60 18.24 7.23
CA TRP A 332 -6.59 19.56 7.81
C TRP A 332 -5.69 20.43 6.95
N ASP A 333 -4.46 19.97 6.72
CA ASP A 333 -3.52 20.67 5.85
C ASP A 333 -2.81 19.63 5.01
N ASP A 334 -1.71 20.00 4.36
CA ASP A 334 -1.01 19.04 3.52
C ASP A 334 -0.28 17.95 4.29
N VAL A 335 -0.04 18.19 5.58
CA VAL A 335 0.66 17.23 6.41
C VAL A 335 -0.15 16.71 7.60
N THR A 336 -1.47 16.88 7.58
CA THR A 336 -2.29 16.42 8.68
C THR A 336 -3.63 15.85 8.21
N VAL A 337 -3.93 14.63 8.62
CA VAL A 337 -5.19 13.97 8.25
C VAL A 337 -5.87 13.35 9.46
N GLU A 338 -7.20 13.51 9.51
CA GLU A 338 -7.98 12.88 10.56
C GLU A 338 -8.66 11.75 9.83
N ILE A 339 -8.50 10.52 10.32
CA ILE A 339 -9.09 9.37 9.69
C ILE A 339 -10.05 8.70 10.65
N ARG A 340 -11.19 8.24 10.14
CA ARG A 340 -12.19 7.56 10.95
C ARG A 340 -12.62 6.26 10.31
N PHE A 341 -12.82 5.25 11.13
CA PHE A 341 -13.27 3.97 10.64
C PHE A 341 -13.68 3.09 11.83
N TRP A 342 -14.43 2.03 11.53
CA TRP A 342 -14.87 1.11 12.55
C TRP A 342 -14.24 -0.24 12.23
N LEU A 343 -13.77 -0.94 13.27
CA LEU A 343 -13.16 -2.26 13.12
C LEU A 343 -13.80 -3.22 14.09
N PRO A 344 -13.94 -4.50 13.69
CA PRO A 344 -14.54 -5.48 14.60
C PRO A 344 -13.55 -5.74 15.74
N ALA A 345 -14.02 -6.31 16.83
CA ALA A 345 -13.15 -6.62 17.95
C ALA A 345 -12.08 -7.61 17.47
N GLY A 346 -10.87 -7.48 17.97
CA GLY A 346 -9.82 -8.38 17.56
C GLY A 346 -8.96 -7.85 16.43
N SER A 347 -9.41 -6.77 15.79
CA SER A 347 -8.65 -6.14 14.70
C SER A 347 -7.99 -4.89 15.22
N PHE A 348 -6.88 -4.50 14.60
CA PHE A 348 -6.11 -3.36 15.06
C PHE A 348 -6.03 -2.15 14.15
N ALA A 349 -6.15 -0.99 14.77
CA ALA A 349 -6.07 0.27 14.06
C ALA A 349 -4.65 0.40 13.51
N THR A 350 -3.66 -0.08 14.26
CA THR A 350 -2.28 -0.01 13.78
C THR A 350 -2.12 -0.78 12.48
N SER A 351 -2.94 -1.79 12.27
CA SER A 351 -2.88 -2.59 11.04
C SER A 351 -3.39 -1.80 9.84
N VAL A 352 -4.26 -0.85 10.08
CA VAL A 352 -4.75 -0.02 8.99
C VAL A 352 -3.64 0.99 8.69
N VAL A 353 -3.15 1.64 9.74
CA VAL A 353 -2.10 2.64 9.60
C VAL A 353 -0.79 2.11 9.00
N ARG A 354 -0.48 0.84 9.24
CA ARG A 354 0.75 0.25 8.70
C ARG A 354 0.79 0.39 7.18
N GLU A 355 -0.37 0.35 6.53
CA GLU A 355 -0.44 0.45 5.08
C GLU A 355 -0.58 1.89 4.57
N LEU A 356 -0.52 2.87 5.47
CA LEU A 356 -0.63 4.27 5.07
C LEU A 356 0.69 5.03 5.19
N ILE A 357 1.35 4.85 6.32
CA ILE A 357 2.61 5.54 6.58
C ILE A 357 3.60 4.65 7.31
N ASN A 358 4.87 5.01 7.28
CA ASN A 358 5.89 4.26 7.97
C ASN A 358 6.10 5.02 9.29
N THR A 359 6.09 4.29 10.40
CA THR A 359 6.27 4.88 11.72
C THR A 359 7.44 4.24 12.46
N THR A 360 7.89 4.88 13.53
CA THR A 360 8.99 4.36 14.33
C THR A 360 8.56 4.27 15.80
N PRO B 15 35.26 22.99 -13.86
CA PRO B 15 34.29 22.25 -13.03
C PRO B 15 34.01 20.84 -13.57
N ARG B 16 34.70 19.86 -13.00
CA ARG B 16 34.54 18.47 -13.42
C ARG B 16 33.14 17.95 -13.12
N GLY B 17 32.43 17.48 -14.15
CA GLY B 17 31.09 16.95 -13.97
C GLY B 17 31.10 15.52 -13.47
N SER B 18 29.94 14.88 -13.43
CA SER B 18 29.84 13.50 -12.97
C SER B 18 30.36 12.52 -14.03
N MSE B 20 28.97 9.27 -12.91
CA MSE B 20 27.58 8.89 -13.17
C MSE B 20 27.40 8.51 -14.64
O MSE B 20 27.69 9.30 -15.53
CB MSE B 20 26.64 10.05 -12.80
CG MSE B 20 25.17 9.79 -13.10
SE MSE B 20 23.98 10.13 -11.59
CE MSE B 20 23.74 8.29 -11.01
N ILE B 21 26.90 7.29 -14.87
CA ILE B 21 26.68 6.80 -16.24
C ILE B 21 25.68 7.69 -16.99
N GLU B 22 26.12 8.22 -18.13
CA GLU B 22 25.26 9.08 -18.96
C GLU B 22 24.16 8.23 -19.59
N PHE B 23 23.06 8.86 -19.98
CA PHE B 23 21.95 8.13 -20.57
C PHE B 23 22.34 7.26 -21.76
N ASP B 24 23.04 7.85 -22.73
CA ASP B 24 23.45 7.10 -23.91
C ASP B 24 24.46 5.99 -23.62
N ASN B 25 25.00 5.98 -22.40
N ASN B 25 24.99 5.99 -22.40
CA ASN B 25 25.97 4.96 -22.03
CA ASN B 25 25.97 4.98 -22.00
C ASN B 25 25.34 3.87 -21.16
C ASN B 25 25.34 3.88 -21.15
N LEU B 26 24.03 3.99 -20.91
CA LEU B 26 23.30 3.01 -20.13
C LEU B 26 23.35 1.64 -20.84
N THR B 27 23.55 0.59 -20.07
CA THR B 27 23.63 -0.76 -20.62
C THR B 27 22.36 -1.20 -21.34
N TYR B 28 22.52 -1.98 -22.41
CA TYR B 28 21.39 -2.50 -23.15
C TYR B 28 21.14 -3.95 -22.74
N LEU B 29 19.90 -4.40 -22.87
CA LEU B 29 19.57 -5.78 -22.55
C LEU B 29 19.85 -6.65 -23.77
N HIS B 30 19.47 -6.16 -24.95
CA HIS B 30 19.67 -6.93 -26.18
C HIS B 30 20.84 -6.41 -26.99
N GLY B 31 21.69 -5.61 -26.36
CA GLY B 31 22.83 -5.05 -27.06
C GLY B 31 22.39 -3.81 -27.85
N LYS B 32 23.33 -2.91 -28.10
CA LYS B 32 23.03 -1.70 -28.86
C LYS B 32 22.56 -2.08 -30.26
N PRO B 33 21.42 -1.52 -30.70
CA PRO B 33 20.90 -1.83 -32.04
C PRO B 33 21.94 -1.64 -33.14
N GLN B 34 21.72 -2.35 -34.25
CA GLN B 34 22.60 -2.26 -35.41
C GLN B 34 21.78 -1.65 -36.55
N GLY B 35 21.14 -0.53 -36.23
CA GLY B 35 20.32 0.16 -37.21
C GLY B 35 19.80 1.46 -36.63
N THR B 36 19.28 2.32 -37.49
CA THR B 36 18.74 3.59 -37.07
C THR B 36 17.30 3.69 -37.56
N GLY B 37 16.63 4.77 -37.15
CA GLY B 37 15.25 4.99 -37.55
C GLY B 37 14.78 6.34 -37.03
N LEU B 38 13.59 6.77 -37.46
CA LEU B 38 13.04 8.05 -37.03
C LEU B 38 11.89 7.88 -36.05
N LEU B 39 12.01 8.57 -34.92
CA LEU B 39 11.01 8.55 -33.85
C LEU B 39 10.30 9.91 -33.86
N LYS B 40 8.97 9.89 -33.85
CA LYS B 40 8.19 11.13 -33.85
C LYS B 40 8.50 12.07 -35.02
N ALA B 41 8.61 11.54 -36.23
CA ALA B 41 8.89 12.39 -37.39
C ALA B 41 7.70 13.34 -37.53
N ASN B 42 6.52 12.79 -37.24
CA ASN B 42 5.26 13.53 -37.30
C ASN B 42 4.56 13.23 -35.99
N PRO B 43 3.72 14.15 -35.50
CA PRO B 43 3.01 13.91 -34.25
C PRO B 43 2.13 12.66 -34.36
N GLU B 44 1.63 12.41 -35.55
CA GLU B 44 0.76 11.25 -35.80
C GLU B 44 1.51 9.92 -35.66
N ASP B 45 2.83 9.96 -35.65
CA ASP B 45 3.62 8.75 -35.53
C ASP B 45 3.84 8.34 -34.08
N PHE B 46 3.27 9.12 -33.16
CA PHE B 46 3.41 8.85 -31.75
C PHE B 46 2.08 9.14 -31.07
N VAL B 47 1.21 8.14 -31.02
CA VAL B 47 -0.09 8.29 -30.39
C VAL B 47 -0.10 7.69 -29.01
N VAL B 48 -0.63 8.43 -28.05
CA VAL B 48 -0.69 7.96 -26.69
C VAL B 48 -2.11 8.09 -26.13
N VAL B 49 -2.66 6.99 -25.65
CA VAL B 49 -4.00 7.02 -25.07
C VAL B 49 -3.91 6.65 -23.60
N GLU B 50 -4.18 7.63 -22.74
CA GLU B 50 -4.13 7.44 -21.30
C GLU B 50 -5.12 6.37 -20.85
N ASP B 51 -4.70 5.58 -19.87
CA ASP B 51 -5.54 4.53 -19.31
C ASP B 51 -5.66 4.75 -17.81
N LEU B 52 -6.75 5.40 -17.40
CA LEU B 52 -6.99 5.68 -15.99
C LEU B 52 -7.17 4.45 -15.11
N GLY B 53 -7.90 3.46 -15.61
CA GLY B 53 -8.13 2.27 -14.83
C GLY B 53 -9.47 2.32 -14.13
N PHE B 54 -10.21 3.40 -14.36
CA PHE B 54 -11.53 3.57 -13.77
C PHE B 54 -12.34 4.54 -14.62
N GLU B 55 -13.66 4.45 -14.52
CA GLU B 55 -14.54 5.34 -15.27
C GLU B 55 -15.03 6.44 -14.34
N PRO B 56 -15.32 7.63 -14.89
CA PRO B 56 -15.80 8.72 -14.03
C PRO B 56 -17.03 8.20 -13.27
N ASP B 57 -17.19 8.61 -12.02
CA ASP B 57 -18.33 8.15 -11.22
C ASP B 57 -19.67 8.60 -11.80
N GLY B 58 -19.74 9.85 -12.25
CA GLY B 58 -20.97 10.38 -12.80
C GLY B 58 -21.58 11.36 -11.82
N GLU B 59 -20.89 11.53 -10.70
CA GLU B 59 -21.30 12.43 -9.64
C GLU B 59 -20.06 12.85 -8.87
N GLY B 60 -20.14 13.98 -8.18
CA GLY B 60 -19.00 14.46 -7.43
C GLY B 60 -18.76 15.92 -7.70
N GLU B 61 -17.99 16.57 -6.84
CA GLU B 61 -17.72 17.99 -6.99
C GLU B 61 -16.69 18.27 -8.08
N HIS B 62 -16.06 17.21 -8.60
CA HIS B 62 -15.05 17.36 -9.65
C HIS B 62 -15.58 17.01 -11.05
N ILE B 63 -14.94 17.59 -12.06
CA ILE B 63 -15.32 17.34 -13.45
C ILE B 63 -14.12 16.77 -14.21
N LEU B 64 -14.25 15.53 -14.70
CA LEU B 64 -13.17 14.91 -15.47
C LEU B 64 -13.38 15.28 -16.92
N VAL B 65 -12.36 15.87 -17.53
CA VAL B 65 -12.43 16.28 -18.92
C VAL B 65 -11.42 15.52 -19.74
N ARG B 66 -11.92 14.72 -20.67
CA ARG B 66 -11.06 13.92 -21.53
C ARG B 66 -10.76 14.73 -22.77
N ILE B 67 -9.48 14.93 -23.05
CA ILE B 67 -9.08 15.73 -24.20
C ILE B 67 -8.06 15.05 -25.08
N LEU B 68 -7.99 15.51 -26.32
CA LEU B 68 -7.03 15.03 -27.29
C LEU B 68 -6.23 16.27 -27.61
N LYS B 69 -4.90 16.19 -27.52
CA LYS B 69 -4.09 17.36 -27.81
C LYS B 69 -2.97 17.07 -28.78
N ASN B 70 -2.39 18.15 -29.30
CA ASN B 70 -1.31 18.05 -30.26
C ASN B 70 -0.53 19.36 -30.28
N GLY B 71 0.75 19.31 -29.96
CA GLY B 71 1.58 20.50 -29.97
C GLY B 71 1.52 21.39 -28.76
N CYS B 72 1.29 20.81 -27.59
CA CYS B 72 1.25 21.58 -26.35
C CYS B 72 1.22 20.66 -25.15
N ASN B 73 1.83 21.12 -24.05
CA ASN B 73 1.89 20.32 -22.84
C ASN B 73 0.59 20.35 -22.05
N THR B 74 0.50 19.43 -21.10
CA THR B 74 -0.67 19.29 -20.26
C THR B 74 -1.02 20.55 -19.47
N ARG B 75 -0.05 21.11 -18.74
CA ARG B 75 -0.29 22.29 -17.95
C ARG B 75 -0.89 23.43 -18.76
N PHE B 76 -0.44 23.59 -19.99
CA PHE B 76 -0.96 24.64 -20.86
C PHE B 76 -2.48 24.51 -21.03
N VAL B 77 -2.95 23.32 -21.39
CA VAL B 77 -4.37 23.09 -21.59
C VAL B 77 -5.12 23.20 -20.27
N ALA B 78 -4.46 22.79 -19.19
CA ALA B 78 -5.05 22.84 -17.86
C ALA B 78 -5.32 24.29 -17.46
N ASP B 79 -4.36 25.17 -17.73
CA ASP B 79 -4.51 26.59 -17.40
C ASP B 79 -5.67 27.17 -18.20
N ALA B 80 -5.73 26.80 -19.48
CA ALA B 80 -6.79 27.27 -20.35
C ALA B 80 -8.14 26.80 -19.82
N LEU B 81 -8.21 25.53 -19.41
CA LEU B 81 -9.45 24.99 -18.88
C LEU B 81 -9.88 25.76 -17.64
N ALA B 82 -8.91 26.07 -16.78
CA ALA B 82 -9.19 26.80 -15.56
C ALA B 82 -9.82 28.16 -15.90
N LYS B 83 -9.17 28.89 -16.80
CA LYS B 83 -9.67 30.19 -17.23
C LYS B 83 -11.11 30.10 -17.70
N PHE B 84 -11.36 29.17 -18.62
CA PHE B 84 -12.69 28.96 -19.19
C PHE B 84 -13.75 28.71 -18.13
N LEU B 85 -13.39 28.02 -17.06
CA LEU B 85 -14.32 27.72 -15.98
C LEU B 85 -14.27 28.78 -14.89
N LYS B 86 -13.49 29.82 -15.12
CA LYS B 86 -13.36 30.92 -14.17
C LYS B 86 -12.89 30.43 -12.80
N ILE B 87 -11.91 29.53 -12.80
CA ILE B 87 -11.36 29.03 -11.56
C ILE B 87 -9.85 29.11 -11.61
N HIS B 88 -9.23 29.19 -10.43
N HIS B 88 -9.22 29.24 -10.44
CA HIS B 88 -7.78 29.27 -10.28
CA HIS B 88 -7.77 29.35 -10.40
C HIS B 88 -7.10 28.04 -10.89
C HIS B 88 -7.14 28.09 -10.97
N ALA B 89 -5.95 28.25 -11.55
CA ALA B 89 -5.22 27.14 -12.16
C ALA B 89 -5.01 25.99 -11.17
N ARG B 90 -4.98 26.30 -9.89
CA ARG B 90 -4.80 25.30 -8.86
C ARG B 90 -5.95 24.32 -8.80
N GLU B 91 -7.11 24.72 -9.33
CA GLU B 91 -8.29 23.86 -9.31
C GLU B 91 -8.31 22.82 -10.43
N VAL B 92 -7.27 22.80 -11.25
CA VAL B 92 -7.20 21.83 -12.34
C VAL B 92 -5.96 20.95 -12.24
N SER B 93 -6.21 19.64 -12.16
CA SER B 93 -5.14 18.66 -12.05
C SER B 93 -5.19 17.65 -13.19
N PHE B 94 -4.31 16.67 -13.14
CA PHE B 94 -4.23 15.62 -14.15
C PHE B 94 -3.40 14.42 -13.69
N ALA B 95 -3.61 13.28 -14.33
CA ALA B 95 -2.91 12.05 -13.97
C ALA B 95 -1.45 12.04 -14.38
N GLY B 96 -1.13 12.68 -15.50
CA GLY B 96 0.25 12.69 -15.94
C GLY B 96 0.55 13.65 -17.07
N GLN B 97 1.84 13.83 -17.32
CA GLN B 97 2.30 14.72 -18.38
C GLN B 97 2.34 13.93 -19.67
N LYS B 98 1.77 14.50 -20.73
CA LYS B 98 1.76 13.83 -22.03
C LYS B 98 2.62 14.64 -22.99
N ASP B 99 3.42 13.93 -23.78
CA ASP B 99 4.32 14.55 -24.74
C ASP B 99 3.68 15.66 -25.57
N LYS B 100 4.38 16.78 -25.71
CA LYS B 100 3.88 17.92 -26.46
C LYS B 100 3.87 17.66 -27.96
N HIS B 101 4.94 17.06 -28.47
CA HIS B 101 5.03 16.79 -29.90
C HIS B 101 4.55 15.40 -30.24
N ALA B 102 3.24 15.21 -30.09
CA ALA B 102 2.60 13.93 -30.39
C ALA B 102 1.11 14.08 -30.23
N VAL B 103 0.37 13.06 -30.65
CA VAL B 103 -1.08 13.07 -30.52
C VAL B 103 -1.41 12.30 -29.26
N THR B 104 -1.80 13.03 -28.22
CA THR B 104 -2.11 12.39 -26.95
C THR B 104 -3.54 12.61 -26.45
N GLU B 105 -4.07 11.60 -25.77
CA GLU B 105 -5.41 11.64 -25.22
C GLU B 105 -5.26 11.42 -23.71
N GLN B 106 -5.80 12.33 -22.90
CA GLN B 106 -5.68 12.21 -21.46
C GLN B 106 -6.79 12.92 -20.71
N TRP B 107 -6.87 12.66 -19.41
CA TRP B 107 -7.89 13.28 -18.60
C TRP B 107 -7.39 14.45 -17.76
N LEU B 108 -8.23 15.47 -17.64
CA LEU B 108 -7.93 16.63 -16.81
C LEU B 108 -9.02 16.63 -15.75
N CYS B 109 -8.80 17.34 -14.65
CA CYS B 109 -9.78 17.37 -13.58
C CYS B 109 -9.89 18.75 -12.96
N ALA B 110 -11.10 19.29 -12.97
CA ALA B 110 -11.37 20.62 -12.42
C ALA B 110 -12.41 20.54 -11.33
N ARG B 111 -12.13 21.19 -10.19
CA ARG B 111 -13.08 21.18 -9.09
C ARG B 111 -14.15 22.26 -9.28
N VAL B 112 -15.35 21.82 -9.64
CA VAL B 112 -16.47 22.74 -9.85
C VAL B 112 -17.69 22.15 -9.15
N PRO B 113 -17.80 22.36 -7.83
CA PRO B 113 -18.94 21.82 -7.06
C PRO B 113 -20.31 22.31 -7.53
N GLY B 114 -21.32 21.49 -7.25
CA GLY B 114 -22.68 21.86 -7.64
C GLY B 114 -23.36 20.83 -8.50
N LYS B 115 -24.67 21.04 -8.71
CA LYS B 115 -25.47 20.14 -9.52
C LYS B 115 -25.36 20.55 -10.98
N GLU B 116 -25.01 21.80 -11.21
CA GLU B 116 -24.86 22.32 -12.58
C GLU B 116 -23.59 21.81 -13.26
N MSE B 117 -23.67 21.58 -14.56
CA MSE B 117 -22.55 21.08 -15.34
C MSE B 117 -22.22 22.11 -16.43
O MSE B 117 -22.95 22.24 -17.41
CB MSE B 117 -22.93 19.74 -16.00
CG MSE B 117 -21.95 19.24 -17.04
SE MSE B 117 -20.25 18.63 -16.34
CE MSE B 117 -20.68 16.76 -16.07
N PRO B 118 -21.10 22.83 -16.28
CA PRO B 118 -20.71 23.84 -17.27
C PRO B 118 -20.60 23.30 -18.69
N ASP B 119 -20.91 24.16 -19.67
CA ASP B 119 -20.87 23.80 -21.08
C ASP B 119 -19.44 23.75 -21.61
N LEU B 120 -18.75 22.64 -21.36
CA LEU B 120 -17.38 22.48 -21.80
C LEU B 120 -17.25 22.25 -23.29
N SER B 121 -18.38 22.15 -23.99
CA SER B 121 -18.38 21.93 -25.43
C SER B 121 -18.10 23.23 -26.17
N ALA B 122 -18.03 24.33 -25.42
CA ALA B 122 -17.75 25.65 -25.98
C ALA B 122 -16.27 25.96 -25.80
N PHE B 123 -15.60 25.15 -24.98
CA PHE B 123 -14.18 25.32 -24.71
C PHE B 123 -13.34 25.02 -25.95
N GLN B 124 -13.04 26.05 -26.74
CA GLN B 124 -12.25 25.88 -27.95
C GLN B 124 -10.82 26.37 -27.70
N LEU B 125 -9.84 25.54 -28.06
CA LEU B 125 -8.44 25.88 -27.88
C LEU B 125 -7.62 25.20 -28.98
N GLU B 126 -6.85 25.98 -29.72
CA GLU B 126 -6.03 25.45 -30.80
C GLU B 126 -5.14 24.32 -30.30
N GLY B 127 -5.19 23.19 -30.98
CA GLY B 127 -4.38 22.04 -30.60
C GLY B 127 -4.92 21.29 -29.38
N CYS B 128 -6.24 21.12 -29.34
CA CYS B 128 -6.88 20.43 -28.24
C CYS B 128 -8.37 20.28 -28.50
N GLN B 129 -8.85 19.05 -28.49
CA GLN B 129 -10.26 18.78 -28.74
C GLN B 129 -10.86 18.03 -27.55
N VAL B 130 -11.97 18.54 -27.03
CA VAL B 130 -12.62 17.87 -25.90
C VAL B 130 -13.39 16.69 -26.45
N LEU B 131 -13.25 15.55 -25.78
CA LEU B 131 -13.91 14.33 -26.21
C LEU B 131 -14.98 13.86 -25.22
N GLU B 132 -14.87 14.31 -23.99
CA GLU B 132 -15.81 13.87 -22.96
C GLU B 132 -15.59 14.60 -21.65
N TYR B 133 -16.66 14.74 -20.88
CA TYR B 133 -16.56 15.37 -19.57
C TYR B 133 -17.72 14.91 -18.71
N ALA B 134 -17.41 14.58 -17.46
CA ALA B 134 -18.40 14.10 -16.52
C ALA B 134 -17.90 14.37 -15.11
N ARG B 135 -18.81 14.36 -14.15
CA ARG B 135 -18.42 14.61 -12.77
C ARG B 135 -17.79 13.40 -12.12
N HIS B 136 -16.98 13.66 -11.09
CA HIS B 136 -16.27 12.61 -10.36
C HIS B 136 -16.10 13.08 -8.92
N LYS B 137 -16.14 12.16 -7.96
CA LYS B 137 -16.00 12.53 -6.56
C LYS B 137 -14.60 13.04 -6.21
N ARG B 138 -13.61 12.15 -6.28
CA ARG B 138 -12.23 12.49 -5.95
C ARG B 138 -11.47 13.21 -7.05
N LYS B 139 -10.55 14.08 -6.65
CA LYS B 139 -9.75 14.84 -7.59
C LYS B 139 -8.74 13.91 -8.26
N LEU B 140 -8.31 14.25 -9.47
CA LEU B 140 -7.35 13.45 -10.21
C LEU B 140 -5.94 13.85 -9.81
N ARG B 141 -5.19 12.92 -9.23
CA ARG B 141 -3.82 13.19 -8.78
C ARG B 141 -2.73 12.68 -9.71
N LEU B 142 -1.60 13.38 -9.70
CA LEU B 142 -0.47 13.02 -10.55
C LEU B 142 -0.02 11.60 -10.22
N GLY B 143 0.18 10.78 -11.25
CA GLY B 143 0.61 9.41 -11.04
C GLY B 143 -0.54 8.46 -10.78
N ALA B 144 -1.75 8.99 -10.65
CA ALA B 144 -2.91 8.16 -10.40
C ALA B 144 -3.56 7.62 -11.67
N LEU B 145 -2.80 6.85 -12.44
CA LEU B 145 -3.33 6.24 -13.67
C LEU B 145 -2.78 4.83 -13.72
N LYS B 146 -3.43 3.99 -14.53
CA LYS B 146 -3.02 2.60 -14.68
C LYS B 146 -1.85 2.48 -15.64
N GLY B 147 -1.95 3.19 -16.77
CA GLY B 147 -0.89 3.15 -17.75
C GLY B 147 -1.26 3.87 -19.03
N ASN B 148 -0.59 3.53 -20.14
CA ASN B 148 -0.84 4.16 -21.42
C ASN B 148 -0.71 3.18 -22.59
N ALA B 149 -1.52 3.41 -23.62
CA ALA B 149 -1.48 2.60 -24.84
C ALA B 149 -0.75 3.44 -25.87
N PHE B 150 0.27 2.85 -26.51
CA PHE B 150 1.06 3.57 -27.50
C PHE B 150 0.95 2.99 -28.90
N THR B 151 0.95 3.87 -29.90
CA THR B 151 0.92 3.46 -31.30
C THR B 151 2.01 4.32 -31.93
N LEU B 152 3.10 3.69 -32.33
CA LEU B 152 4.22 4.43 -32.92
C LEU B 152 4.54 3.93 -34.31
N VAL B 153 5.09 4.83 -35.12
CA VAL B 153 5.51 4.49 -36.46
C VAL B 153 6.98 4.88 -36.54
N LEU B 154 7.85 3.90 -36.76
CA LEU B 154 9.28 4.19 -36.90
C LEU B 154 9.51 4.30 -38.39
N ARG B 155 10.08 5.43 -38.82
CA ARG B 155 10.33 5.67 -40.24
C ARG B 155 11.80 5.61 -40.60
N GLU B 156 12.06 5.30 -41.87
CA GLU B 156 13.42 5.21 -42.38
C GLU B 156 14.27 4.23 -41.56
N VAL B 157 13.69 3.07 -41.26
CA VAL B 157 14.37 2.02 -40.51
C VAL B 157 15.45 1.48 -41.44
N SER B 158 16.70 1.62 -41.02
CA SER B 158 17.84 1.18 -41.82
C SER B 158 18.10 -0.31 -41.82
N ASN B 159 17.58 -1.02 -40.82
CA ASN B 159 17.83 -2.47 -40.71
C ASN B 159 16.59 -3.20 -40.23
N ARG B 160 15.63 -3.42 -41.14
CA ARG B 160 14.40 -4.10 -40.80
C ARG B 160 14.58 -5.44 -40.10
N ASP B 161 15.57 -6.23 -40.54
CA ASP B 161 15.77 -7.53 -39.92
C ASP B 161 16.24 -7.44 -38.48
N ASP B 162 17.02 -6.40 -38.17
CA ASP B 162 17.49 -6.22 -36.82
C ASP B 162 16.29 -5.84 -35.96
N VAL B 163 15.50 -4.89 -36.42
CA VAL B 163 14.33 -4.45 -35.67
C VAL B 163 13.31 -5.58 -35.44
N GLU B 164 13.04 -6.37 -36.48
CA GLU B 164 12.10 -7.48 -36.38
C GLU B 164 12.52 -8.48 -35.30
N GLN B 165 13.80 -8.83 -35.32
N GLN B 165 13.79 -8.87 -35.31
CA GLN B 165 14.41 -9.77 -34.38
CA GLN B 165 14.25 -9.83 -34.30
C GLN B 165 14.37 -9.24 -32.94
C GLN B 165 14.20 -9.22 -32.91
N ARG B 166 14.54 -7.94 -32.80
CA ARG B 166 14.51 -7.27 -31.50
C ARG B 166 13.09 -7.23 -30.93
N LEU B 167 12.11 -7.01 -31.80
CA LEU B 167 10.72 -6.98 -31.36
C LEU B 167 10.32 -8.37 -30.84
N ILE B 168 10.83 -9.41 -31.48
CA ILE B 168 10.56 -10.78 -31.07
C ILE B 168 11.19 -11.05 -29.69
N ASP B 169 12.43 -10.64 -29.53
CA ASP B 169 13.14 -10.84 -28.28
C ASP B 169 12.54 -10.02 -27.14
N ILE B 170 11.98 -8.86 -27.48
CA ILE B 170 11.38 -8.02 -26.47
C ILE B 170 10.12 -8.72 -25.94
N CYS B 171 9.35 -9.32 -26.83
N CYS B 171 9.35 -9.33 -26.84
CA CYS B 171 8.12 -10.02 -26.46
CA CYS B 171 8.13 -10.04 -26.45
C CYS B 171 8.43 -11.10 -25.42
C CYS B 171 8.46 -11.06 -25.37
N VAL B 172 9.63 -11.67 -25.50
CA VAL B 172 10.07 -12.70 -24.57
C VAL B 172 10.78 -12.18 -23.32
N LYS B 173 11.80 -11.35 -23.52
CA LYS B 173 12.60 -10.85 -22.42
C LYS B 173 12.35 -9.43 -21.91
N GLY B 174 11.61 -8.62 -22.67
CA GLY B 174 11.34 -7.25 -22.26
C GLY B 174 12.46 -6.27 -22.55
N VAL B 175 12.50 -5.16 -21.82
CA VAL B 175 13.54 -4.16 -21.98
C VAL B 175 13.79 -3.54 -20.61
N PRO B 176 14.95 -2.89 -20.43
CA PRO B 176 15.24 -2.26 -19.14
C PRO B 176 14.21 -1.16 -18.92
N ASN B 177 13.68 -1.07 -17.70
CA ASN B 177 12.64 -0.08 -17.38
C ASN B 177 13.19 1.29 -17.01
N TYR B 178 14.14 1.78 -17.80
CA TYR B 178 14.77 3.08 -17.55
C TYR B 178 13.79 4.23 -17.61
N PHE B 179 14.15 5.30 -16.91
CA PHE B 179 13.37 6.53 -16.97
C PHE B 179 13.88 7.15 -18.26
N GLY B 180 12.96 7.64 -19.10
CA GLY B 180 13.37 8.25 -20.36
C GLY B 180 14.19 9.50 -20.17
N ALA B 181 14.91 9.91 -21.22
CA ALA B 181 15.74 11.11 -21.16
C ALA B 181 14.90 12.33 -20.75
N GLN B 182 13.64 12.33 -21.14
CA GLN B 182 12.73 13.43 -20.83
C GLN B 182 12.55 13.64 -19.32
N ARG B 183 13.01 12.67 -18.53
CA ARG B 183 12.88 12.74 -17.07
C ARG B 183 13.95 13.59 -16.40
N PHE B 184 15.02 13.90 -17.12
CA PHE B 184 16.09 14.67 -16.51
C PHE B 184 16.18 16.11 -17.01
N GLY B 185 15.07 16.61 -17.55
CA GLY B 185 15.02 17.98 -18.04
C GLY B 185 15.65 18.19 -19.40
N ILE B 186 15.27 19.30 -20.03
CA ILE B 186 15.79 19.66 -21.34
C ILE B 186 17.30 19.82 -21.22
N GLY B 187 18.04 19.11 -22.07
CA GLY B 187 19.49 19.19 -22.01
C GLY B 187 20.04 18.48 -20.77
N GLY B 188 19.13 18.08 -19.89
CA GLY B 188 19.53 17.40 -18.66
C GLY B 188 19.68 18.36 -17.50
N SER B 189 19.12 19.56 -17.66
CA SER B 189 19.19 20.59 -16.63
C SER B 189 18.79 20.11 -15.26
N ASN B 190 17.66 19.39 -15.19
CA ASN B 190 17.16 18.90 -13.93
C ASN B 190 18.17 18.05 -13.16
N LEU B 191 18.89 17.18 -13.87
CA LEU B 191 19.88 16.35 -13.20
C LEU B 191 21.09 17.19 -12.82
N GLN B 192 21.45 18.12 -13.70
CA GLN B 192 22.59 18.99 -13.44
C GLN B 192 22.30 19.86 -12.23
N GLY B 193 21.13 20.50 -12.22
CA GLY B 193 20.75 21.35 -11.11
C GLY B 193 20.66 20.58 -9.80
N ALA B 194 20.20 19.34 -9.89
CA ALA B 194 20.07 18.49 -8.71
C ALA B 194 21.46 18.19 -8.17
N GLN B 195 22.41 17.97 -9.08
CA GLN B 195 23.78 17.66 -8.69
C GLN B 195 24.47 18.84 -8.03
N ARG B 196 24.31 20.03 -8.60
CA ARG B 196 24.93 21.22 -8.03
C ARG B 196 24.39 21.47 -6.63
N TRP B 197 23.07 21.43 -6.51
CA TRP B 197 22.40 21.66 -5.23
C TRP B 197 22.83 20.64 -4.17
N ALA B 198 23.16 19.42 -4.60
CA ALA B 198 23.59 18.39 -3.66
C ALA B 198 25.02 18.62 -3.18
N GLN B 199 25.79 19.39 -3.95
CA GLN B 199 27.19 19.67 -3.61
C GLN B 199 27.28 20.73 -2.52
N THR B 200 26.13 21.29 -2.14
CA THR B 200 26.08 22.31 -1.11
C THR B 200 24.98 21.99 -0.12
N ASN B 201 24.52 23.02 0.58
CA ASN B 201 23.45 22.85 1.56
C ASN B 201 22.41 23.94 1.38
N THR B 202 22.54 24.68 0.28
CA THR B 202 21.62 25.77 -0.05
C THR B 202 20.23 25.21 -0.32
N PRO B 203 19.26 25.49 0.57
CA PRO B 203 17.90 24.97 0.36
C PRO B 203 17.26 25.50 -0.93
N VAL B 204 16.29 24.76 -1.46
CA VAL B 204 15.62 25.16 -2.68
C VAL B 204 14.22 25.71 -2.44
N ARG B 205 14.05 26.97 -2.81
CA ARG B 205 12.78 27.68 -2.66
C ARG B 205 11.64 27.12 -3.51
N ASP B 206 11.67 27.42 -4.82
N ASP B 206 11.69 27.42 -4.81
CA ASP B 206 10.66 26.97 -5.75
CA ASP B 206 10.67 26.95 -5.76
C ASP B 206 10.30 25.50 -5.52
C ASP B 206 10.30 25.50 -5.52
N ARG B 207 9.03 25.25 -5.26
CA ARG B 207 8.55 23.90 -5.01
C ARG B 207 8.75 23.02 -6.24
N ASN B 208 8.39 23.55 -7.41
CA ASN B 208 8.53 22.81 -8.66
C ASN B 208 9.99 22.56 -9.02
N LYS B 209 10.82 23.58 -8.93
CA LYS B 209 12.23 23.43 -9.26
C LYS B 209 12.86 22.39 -8.34
N ARG B 210 12.31 22.25 -7.15
CA ARG B 210 12.83 21.30 -6.18
C ARG B 210 12.42 19.86 -6.53
N SER B 211 11.15 19.68 -6.87
CA SER B 211 10.64 18.37 -7.23
C SER B 211 11.33 17.84 -8.48
N PHE B 212 11.47 18.69 -9.49
CA PHE B 212 12.13 18.30 -10.73
C PHE B 212 13.51 17.75 -10.41
N TRP B 213 14.25 18.49 -9.60
CA TRP B 213 15.61 18.10 -9.22
C TRP B 213 15.65 16.83 -8.38
N LEU B 214 14.81 16.74 -7.36
CA LEU B 214 14.81 15.54 -6.53
C LEU B 214 14.44 14.31 -7.36
N SER B 215 13.51 14.49 -8.29
CA SER B 215 13.06 13.39 -9.14
C SER B 215 14.14 12.93 -10.11
N ALA B 216 14.87 13.87 -10.71
CA ALA B 216 15.94 13.53 -11.63
C ALA B 216 17.05 12.78 -10.91
N ALA B 217 17.34 13.22 -9.68
CA ALA B 217 18.39 12.60 -8.88
C ALA B 217 18.07 11.14 -8.62
N ARG B 218 16.89 10.87 -8.08
CA ARG B 218 16.50 9.50 -7.78
C ARG B 218 16.36 8.65 -9.04
N SER B 219 15.88 9.27 -10.13
CA SER B 219 15.70 8.56 -11.39
C SER B 219 17.04 8.18 -11.99
N ALA B 220 18.00 9.11 -11.93
CA ALA B 220 19.33 8.86 -12.48
C ALA B 220 20.00 7.74 -11.71
N LEU B 221 19.81 7.73 -10.40
CA LEU B 221 20.41 6.70 -9.56
C LEU B 221 19.77 5.34 -9.88
N PHE B 222 18.45 5.33 -10.07
CA PHE B 222 17.78 4.08 -10.41
C PHE B 222 18.32 3.51 -11.72
N ASN B 223 18.42 4.36 -12.73
CA ASN B 223 18.91 3.96 -14.04
C ASN B 223 20.30 3.36 -13.92
N GLN B 224 21.14 4.00 -13.11
CA GLN B 224 22.50 3.55 -12.93
C GLN B 224 22.53 2.18 -12.27
N ILE B 225 21.70 1.99 -11.26
CA ILE B 225 21.67 0.69 -10.60
C ILE B 225 21.28 -0.38 -11.61
N VAL B 226 20.29 -0.09 -12.45
CA VAL B 226 19.85 -1.06 -13.44
C VAL B 226 20.96 -1.33 -14.45
N ALA B 227 21.59 -0.27 -14.94
CA ALA B 227 22.68 -0.39 -15.90
C ALA B 227 23.81 -1.27 -15.35
N GLU B 228 24.02 -1.20 -14.03
CA GLU B 228 25.06 -2.01 -13.40
C GLU B 228 24.61 -3.46 -13.33
N ARG B 229 23.37 -3.66 -12.92
CA ARG B 229 22.82 -4.99 -12.81
C ARG B 229 22.82 -5.71 -14.16
N LEU B 230 22.68 -4.96 -15.24
CA LEU B 230 22.65 -5.56 -16.57
C LEU B 230 24.04 -5.99 -17.02
N LYS B 231 25.06 -5.66 -16.24
CA LYS B 231 26.43 -6.04 -16.58
C LYS B 231 26.78 -7.42 -16.02
N LYS B 232 25.82 -8.04 -15.34
CA LYS B 232 26.04 -9.38 -14.78
C LYS B 232 25.77 -10.44 -15.83
N ALA B 233 26.32 -11.62 -15.62
CA ALA B 233 26.14 -12.75 -16.52
C ALA B 233 24.64 -13.00 -16.72
N ASP B 234 23.95 -13.26 -15.62
CA ASP B 234 22.50 -13.50 -15.71
C ASP B 234 21.78 -12.32 -15.07
N VAL B 235 21.22 -11.49 -15.96
CA VAL B 235 20.51 -10.29 -15.57
C VAL B 235 19.28 -10.50 -14.70
N ASN B 236 18.54 -11.57 -14.95
CA ASN B 236 17.35 -11.85 -14.17
C ASN B 236 17.55 -12.90 -13.10
N GLN B 237 18.78 -13.01 -12.60
CA GLN B 237 19.06 -13.98 -11.56
C GLN B 237 18.72 -13.42 -10.18
N VAL B 238 17.85 -14.09 -9.46
CA VAL B 238 17.46 -13.63 -8.13
C VAL B 238 18.59 -13.95 -7.16
N VAL B 239 18.93 -12.98 -6.31
CA VAL B 239 19.98 -13.22 -5.33
C VAL B 239 19.42 -12.94 -3.95
N ASP B 240 20.10 -13.48 -2.94
CA ASP B 240 19.68 -13.32 -1.55
C ASP B 240 19.51 -11.85 -1.18
N GLY B 241 18.31 -11.49 -0.74
CA GLY B 241 18.06 -10.12 -0.34
C GLY B 241 17.40 -9.24 -1.38
N ASP B 242 17.13 -9.78 -2.56
CA ASP B 242 16.48 -9.01 -3.61
C ASP B 242 15.07 -8.61 -3.17
N ALA B 243 14.60 -7.47 -3.66
CA ALA B 243 13.25 -7.00 -3.38
C ALA B 243 12.44 -7.37 -4.62
N LEU B 244 11.62 -8.41 -4.50
CA LEU B 244 10.81 -8.87 -5.63
C LEU B 244 9.39 -8.34 -5.57
N GLN B 245 8.99 -7.67 -6.66
CA GLN B 245 7.67 -7.09 -6.74
C GLN B 245 6.70 -7.94 -7.55
N LEU B 246 5.47 -8.06 -7.06
CA LEU B 246 4.47 -8.83 -7.77
C LEU B 246 4.09 -8.08 -9.03
N ALA B 247 3.98 -8.81 -10.14
CA ALA B 247 3.63 -8.19 -11.40
C ALA B 247 2.30 -7.48 -11.31
N GLY B 248 2.22 -6.29 -11.92
CA GLY B 248 0.96 -5.56 -11.90
C GLY B 248 0.65 -4.76 -10.66
N ARG B 249 1.42 -4.92 -9.58
CA ARG B 249 1.14 -4.10 -8.41
C ARG B 249 2.36 -3.68 -7.61
N GLY B 250 2.13 -2.88 -6.56
CA GLY B 250 3.23 -2.37 -5.75
C GLY B 250 3.86 -3.32 -4.75
N SER B 251 3.05 -4.20 -4.18
CA SER B 251 3.53 -5.16 -3.19
C SER B 251 4.81 -5.91 -3.59
N TRP B 252 5.79 -5.92 -2.68
CA TRP B 252 7.08 -6.61 -2.90
C TRP B 252 7.57 -7.25 -1.61
N PHE B 253 8.47 -8.21 -1.73
CA PHE B 253 9.02 -8.86 -0.54
C PHE B 253 10.47 -9.26 -0.77
N VAL B 254 11.17 -9.59 0.31
CA VAL B 254 12.58 -9.94 0.24
C VAL B 254 12.85 -11.42 -0.01
N ALA B 255 13.75 -11.69 -0.95
CA ALA B 255 14.11 -13.05 -1.29
C ALA B 255 15.12 -13.59 -0.28
N THR B 256 15.14 -14.91 -0.10
CA THR B 256 16.07 -15.56 0.82
C THR B 256 16.69 -16.76 0.14
N THR B 257 17.94 -17.05 0.47
CA THR B 257 18.67 -18.19 -0.11
C THR B 257 17.77 -19.43 -0.16
N GLU B 258 17.11 -19.69 0.96
CA GLU B 258 16.22 -20.85 1.09
C GLU B 258 15.14 -20.93 0.00
N GLU B 259 14.65 -19.78 -0.46
CA GLU B 259 13.59 -19.77 -1.47
C GLU B 259 14.03 -19.42 -2.89
N LEU B 260 15.34 -19.22 -3.10
CA LEU B 260 15.82 -18.84 -4.43
C LEU B 260 15.26 -19.64 -5.60
N ALA B 261 15.36 -20.96 -5.52
CA ALA B 261 14.90 -21.80 -6.61
C ALA B 261 13.47 -21.52 -7.05
N GLU B 262 12.54 -21.48 -6.10
CA GLU B 262 11.14 -21.21 -6.43
C GLU B 262 10.95 -19.76 -6.91
N LEU B 263 11.65 -18.83 -6.28
CA LEU B 263 11.54 -17.42 -6.65
C LEU B 263 12.00 -17.18 -8.10
N GLN B 264 13.10 -17.83 -8.49
CA GLN B 264 13.62 -17.68 -9.84
C GLN B 264 12.59 -18.13 -10.85
N ARG B 265 11.89 -19.21 -10.53
CA ARG B 265 10.87 -19.72 -11.41
C ARG B 265 9.76 -18.70 -11.61
N ARG B 266 9.37 -18.03 -10.54
CA ARG B 266 8.30 -17.04 -10.64
C ARG B 266 8.78 -15.83 -11.44
N VAL B 267 10.03 -15.45 -11.23
CA VAL B 267 10.63 -14.34 -11.96
C VAL B 267 10.74 -14.71 -13.42
N ASN B 268 11.18 -15.93 -13.70
CA ASN B 268 11.32 -16.37 -15.10
C ASN B 268 9.94 -16.39 -15.73
N ASP B 269 8.94 -16.74 -14.93
CA ASP B 269 7.56 -16.79 -15.41
C ASP B 269 6.93 -15.39 -15.47
N LYS B 270 7.68 -14.38 -15.06
CA LYS B 270 7.20 -12.99 -15.07
C LYS B 270 6.09 -12.73 -14.06
N GLU B 271 6.08 -13.48 -12.97
CA GLU B 271 5.08 -13.30 -11.92
C GLU B 271 5.67 -12.31 -10.94
N LEU B 272 6.99 -12.39 -10.78
CA LEU B 272 7.72 -11.51 -9.89
C LEU B 272 8.71 -10.66 -10.68
N MSE B 273 8.95 -9.45 -10.21
CA MSE B 273 9.89 -8.56 -10.88
C MSE B 273 11.05 -8.19 -9.98
O MSE B 273 10.85 -7.73 -8.86
CB MSE B 273 9.20 -7.25 -11.28
CG MSE B 273 7.87 -7.40 -12.01
SE MSE B 273 8.09 -8.16 -13.77
CE MSE B 273 8.96 -6.64 -14.62
N ILE B 274 12.27 -8.44 -10.44
CA ILE B 274 13.43 -8.03 -9.67
C ILE B 274 13.34 -6.51 -9.74
N THR B 275 13.58 -5.84 -8.62
CA THR B 275 13.53 -4.39 -8.59
C THR B 275 14.89 -3.82 -8.28
N ALA B 276 15.02 -2.52 -8.54
CA ALA B 276 16.24 -1.79 -8.27
C ALA B 276 15.76 -0.64 -7.38
N ALA B 277 16.65 -0.14 -6.54
CA ALA B 277 16.33 0.93 -5.62
C ALA B 277 16.05 2.29 -6.25
N LEU B 278 15.24 3.05 -5.53
CA LEU B 278 14.89 4.42 -5.86
C LEU B 278 15.33 5.05 -4.52
N PRO B 279 16.63 5.38 -4.42
CA PRO B 279 17.25 5.98 -3.22
C PRO B 279 16.47 7.10 -2.51
N GLY B 280 16.65 7.15 -1.19
CA GLY B 280 16.00 8.15 -0.37
C GLY B 280 16.09 7.80 1.11
N SER B 281 15.34 8.52 1.95
CA SER B 281 15.36 8.27 3.39
C SER B 281 14.80 6.89 3.70
N GLY B 282 15.03 6.43 4.93
CA GLY B 282 14.54 5.13 5.32
C GLY B 282 15.39 4.04 4.70
N GLU B 283 14.90 2.80 4.74
CA GLU B 283 15.64 1.68 4.19
C GLU B 283 15.30 1.47 2.72
N TRP B 284 16.28 1.04 1.94
CA TRP B 284 16.10 0.81 0.52
C TRP B 284 15.20 -0.37 0.20
N GLY B 285 15.15 -1.36 1.09
CA GLY B 285 14.29 -2.50 0.86
C GLY B 285 15.05 -3.80 0.66
N THR B 286 16.16 -3.73 -0.07
CA THR B 286 16.97 -4.90 -0.32
C THR B 286 17.74 -5.22 0.96
N GLN B 287 18.19 -6.47 1.08
CA GLN B 287 18.97 -6.89 2.24
C GLN B 287 20.19 -7.70 1.81
N ARG B 288 21.15 -7.82 2.72
CA ARG B 288 22.38 -8.58 2.47
C ARG B 288 23.05 -8.30 1.13
N GLU B 289 23.27 -9.38 0.38
CA GLU B 289 23.93 -9.38 -0.92
C GLU B 289 23.38 -8.31 -1.87
N ALA B 290 22.11 -8.42 -2.20
CA ALA B 290 21.45 -7.48 -3.10
C ALA B 290 21.61 -6.03 -2.64
N LEU B 291 21.49 -5.79 -1.34
CA LEU B 291 21.61 -4.44 -0.83
C LEU B 291 23.04 -3.91 -1.06
N ALA B 292 24.02 -4.77 -0.81
CA ALA B 292 25.42 -4.41 -1.00
C ALA B 292 25.63 -3.99 -2.45
N PHE B 293 25.04 -4.77 -3.36
CA PHE B 293 25.16 -4.51 -4.79
C PHE B 293 24.64 -3.11 -5.12
N GLU B 294 23.40 -2.81 -4.74
CA GLU B 294 22.82 -1.52 -5.04
C GLU B 294 23.61 -0.36 -4.45
N GLN B 295 24.14 -0.55 -3.25
CA GLN B 295 24.92 0.51 -2.61
C GLN B 295 26.23 0.70 -3.36
N ALA B 296 26.82 -0.39 -3.83
CA ALA B 296 28.08 -0.34 -4.56
C ALA B 296 27.86 0.31 -5.93
N ALA B 297 26.74 -0.04 -6.56
CA ALA B 297 26.40 0.50 -7.88
C ALA B 297 26.37 2.02 -7.92
N VAL B 298 26.05 2.66 -6.80
CA VAL B 298 26.01 4.12 -6.75
C VAL B 298 26.88 4.68 -5.62
N ALA B 299 27.85 3.87 -5.20
CA ALA B 299 28.75 4.24 -4.11
C ALA B 299 29.40 5.60 -4.31
N ALA B 300 29.64 5.99 -5.55
CA ALA B 300 30.27 7.26 -5.82
C ALA B 300 29.30 8.44 -5.71
N GLU B 301 28.00 8.14 -5.72
CA GLU B 301 27.01 9.19 -5.65
C GLU B 301 26.53 9.49 -4.22
N THR B 302 27.48 9.67 -3.32
CA THR B 302 27.17 9.97 -1.93
C THR B 302 26.43 11.31 -1.79
N GLU B 303 26.76 12.25 -2.68
CA GLU B 303 26.15 13.57 -2.66
C GLU B 303 24.66 13.55 -3.02
N LEU B 304 24.31 12.87 -4.11
CA LEU B 304 22.92 12.78 -4.51
C LEU B 304 22.15 11.96 -3.49
N GLN B 305 22.75 10.86 -3.03
CA GLN B 305 22.12 10.02 -2.03
C GLN B 305 21.78 10.82 -0.77
N ALA B 306 22.75 11.61 -0.31
CA ALA B 306 22.56 12.43 0.89
C ALA B 306 21.52 13.51 0.69
N LEU B 307 21.46 14.08 -0.52
CA LEU B 307 20.46 15.11 -0.82
C LEU B 307 19.05 14.54 -0.60
N LEU B 308 18.78 13.41 -1.24
CA LEU B 308 17.49 12.75 -1.15
C LEU B 308 17.12 12.41 0.30
N VAL B 309 18.11 12.05 1.10
CA VAL B 309 17.83 11.71 2.48
C VAL B 309 17.37 12.91 3.31
N ARG B 310 18.04 14.05 3.15
CA ARG B 310 17.68 15.24 3.90
C ARG B 310 16.35 15.86 3.46
N GLU B 311 15.94 15.63 2.22
CA GLU B 311 14.67 16.18 1.75
C GLU B 311 13.53 15.21 2.06
N LYS B 312 13.84 14.19 2.84
CA LYS B 312 12.86 13.19 3.24
C LYS B 312 12.11 12.52 2.08
N VAL B 313 12.83 12.16 1.04
CA VAL B 313 12.21 11.48 -0.11
C VAL B 313 12.39 9.99 0.19
N GLU B 314 11.32 9.34 0.63
CA GLU B 314 11.40 7.92 0.97
C GLU B 314 11.91 7.04 -0.15
N ALA B 315 12.79 6.11 0.21
CA ALA B 315 13.33 5.18 -0.75
C ALA B 315 12.17 4.30 -1.19
N ALA B 316 12.19 3.88 -2.45
CA ALA B 316 11.13 3.03 -2.98
C ALA B 316 11.72 1.99 -3.91
N ARG B 317 10.85 1.13 -4.41
CA ARG B 317 11.22 0.06 -5.33
C ARG B 317 10.65 0.30 -6.73
N ARG B 318 11.37 -0.14 -7.75
CA ARG B 318 10.91 0.02 -9.13
C ARG B 318 11.40 -1.17 -9.96
N ALA B 319 10.50 -1.76 -10.73
CA ALA B 319 10.87 -2.90 -11.55
C ALA B 319 12.04 -2.55 -12.47
N MSE B 320 13.04 -3.42 -12.46
CA MSE B 320 14.22 -3.27 -13.29
C MSE B 320 13.88 -3.45 -14.77
O MSE B 320 14.37 -2.73 -15.61
CB MSE B 320 15.26 -4.30 -12.86
CG MSE B 320 16.40 -4.53 -13.81
SE MSE B 320 17.52 -5.98 -13.14
CE MSE B 320 16.45 -7.48 -13.66
N LEU B 321 13.03 -4.44 -15.06
CA LEU B 321 12.63 -4.75 -16.41
C LEU B 321 11.22 -4.26 -16.72
N LEU B 322 10.89 -4.22 -18.02
CA LEU B 322 9.60 -3.76 -18.49
C LEU B 322 9.11 -4.68 -19.60
N TYR B 323 7.93 -5.26 -19.42
CA TYR B 323 7.36 -6.18 -20.42
C TYR B 323 6.19 -5.48 -21.11
N PRO B 324 6.42 -4.93 -22.31
CA PRO B 324 5.32 -4.24 -23.00
C PRO B 324 4.13 -5.19 -23.14
N GLN B 325 2.93 -4.70 -22.83
CA GLN B 325 1.74 -5.53 -22.93
C GLN B 325 1.04 -5.40 -24.30
N GLN B 326 0.46 -6.50 -24.77
CA GLN B 326 -0.20 -6.55 -26.07
C GLN B 326 0.71 -5.97 -27.14
N LEU B 327 1.93 -6.46 -27.19
CA LEU B 327 2.90 -5.98 -28.16
C LEU B 327 2.60 -6.57 -29.53
N SER B 328 2.44 -5.71 -30.52
CA SER B 328 2.18 -6.15 -31.89
C SER B 328 2.76 -5.11 -32.84
N TRP B 329 3.02 -5.51 -34.07
CA TRP B 329 3.61 -4.60 -35.04
C TRP B 329 3.31 -5.01 -36.47
N ASN B 330 3.36 -4.02 -37.38
N ASN B 330 3.37 -4.02 -37.37
CA ASN B 330 3.10 -4.25 -38.79
CA ASN B 330 3.09 -4.22 -38.79
C ASN B 330 4.05 -3.42 -39.65
C ASN B 330 4.06 -3.41 -39.64
N TRP B 331 4.70 -4.06 -40.60
CA TRP B 331 5.64 -3.37 -41.49
C TRP B 331 4.89 -2.84 -42.71
N TRP B 332 4.91 -1.52 -42.90
CA TRP B 332 4.25 -0.91 -44.04
C TRP B 332 5.06 -1.19 -45.30
N ASP B 333 6.37 -1.20 -45.15
CA ASP B 333 7.31 -1.49 -46.24
C ASP B 333 8.61 -1.85 -45.54
N ASP B 334 9.67 -2.15 -46.30
CA ASP B 334 10.93 -2.53 -45.68
C ASP B 334 11.62 -1.47 -44.83
N VAL B 335 11.03 -0.29 -44.72
CA VAL B 335 11.66 0.77 -43.94
C VAL B 335 10.70 1.54 -43.03
N THR B 336 9.52 0.98 -42.78
CA THR B 336 8.54 1.65 -41.92
C THR B 336 7.71 0.65 -41.12
N VAL B 337 7.71 0.80 -39.80
CA VAL B 337 6.94 -0.09 -38.92
C VAL B 337 6.01 0.62 -37.95
N GLU B 338 4.81 0.08 -37.79
CA GLU B 338 3.86 0.62 -36.85
C GLU B 338 3.91 -0.38 -35.70
N ILE B 339 4.14 0.13 -34.49
CA ILE B 339 4.24 -0.70 -33.31
C ILE B 339 3.22 -0.28 -32.26
N ARG B 340 2.57 -1.26 -31.65
CA ARG B 340 1.58 -0.98 -30.62
C ARG B 340 1.92 -1.75 -29.35
N PHE B 341 1.67 -1.11 -28.21
CA PHE B 341 1.89 -1.73 -26.92
C PHE B 341 1.34 -0.85 -25.79
N TRP B 342 1.11 -1.48 -24.65
CA TRP B 342 0.58 -0.81 -23.47
C TRP B 342 1.67 -0.91 -22.41
N LEU B 343 1.87 0.18 -21.69
CA LEU B 343 2.87 0.20 -20.64
C LEU B 343 2.25 0.70 -19.35
N PRO B 344 2.74 0.20 -18.20
CA PRO B 344 2.18 0.65 -16.92
C PRO B 344 2.62 2.08 -16.63
N ALA B 345 1.94 2.71 -15.67
CA ALA B 345 2.27 4.07 -15.29
C ALA B 345 3.75 4.15 -14.88
N GLY B 346 4.42 5.21 -15.28
CA GLY B 346 5.82 5.38 -14.92
C GLY B 346 6.83 4.74 -15.86
N SER B 347 6.37 4.05 -16.90
CA SER B 347 7.29 3.44 -17.85
C SER B 347 7.24 4.25 -19.14
N PHE B 348 8.35 4.28 -19.87
CA PHE B 348 8.46 5.07 -21.09
C PHE B 348 8.58 4.29 -22.39
N ALA B 349 7.86 4.78 -23.41
CA ALA B 349 7.89 4.16 -24.72
C ALA B 349 9.29 4.24 -25.30
N THR B 350 10.03 5.30 -24.95
CA THR B 350 11.39 5.46 -25.45
C THR B 350 12.33 4.40 -24.91
N SER B 351 11.95 3.76 -23.80
CA SER B 351 12.79 2.71 -23.24
C SER B 351 12.65 1.44 -24.07
N VAL B 352 11.53 1.32 -24.77
CA VAL B 352 11.29 0.19 -25.64
C VAL B 352 12.01 0.47 -26.95
N VAL B 353 11.79 1.68 -27.50
CA VAL B 353 12.42 2.07 -28.76
C VAL B 353 13.94 2.06 -28.70
N ARG B 354 14.50 2.36 -27.54
CA ARG B 354 15.95 2.37 -27.36
C ARG B 354 16.59 1.02 -27.72
N GLU B 355 15.85 -0.06 -27.51
CA GLU B 355 16.37 -1.39 -27.79
C GLU B 355 16.05 -1.84 -29.22
N LEU B 356 15.38 -0.99 -29.99
CA LEU B 356 15.03 -1.34 -31.37
C LEU B 356 15.92 -0.66 -32.39
N ILE B 357 16.07 0.67 -32.27
CA ILE B 357 16.88 1.45 -33.20
C ILE B 357 17.68 2.52 -32.47
N ASN B 358 18.72 3.03 -33.14
CA ASN B 358 19.50 4.10 -32.56
C ASN B 358 18.95 5.42 -33.12
N THR B 359 18.82 6.42 -32.27
CA THR B 359 18.31 7.73 -32.69
C THR B 359 19.31 8.82 -32.35
C1 GOL C . -15.26 -19.69 14.81
O1 GOL C . -16.08 -20.19 16.09
C2 GOL C . -14.18 -18.81 14.83
O2 GOL C . -14.52 -17.59 15.28
C3 GOL C . -13.21 -19.40 14.48
O3 GOL C . -12.32 -20.54 13.96
C1 GOL D . -5.77 -0.48 19.48
O1 GOL D . -4.78 0.74 19.85
C2 GOL D . -6.04 -0.99 18.19
O2 GOL D . -7.34 -1.27 18.01
C3 GOL D . -5.03 -1.04 17.55
O3 GOL D . -3.54 -0.91 17.18
P PO4 E . 2.69 7.78 -16.90
O1 PO4 E . 2.54 9.07 -16.18
O2 PO4 E . 2.81 6.69 -15.91
O3 PO4 E . 1.49 7.54 -17.74
O4 PO4 E . 3.89 7.81 -17.77
C1 GOL F . 6.86 0.65 -3.94
O1 GOL F . 8.31 1.01 -3.33
C2 GOL F . 5.75 0.26 -3.19
O2 GOL F . 6.11 -0.25 -2.00
C3 GOL F . 4.74 0.49 -3.83
O3 GOL F . 3.81 0.96 -5.00
C1 GOL G . -3.48 -3.98 -20.48
O1 GOL G . -2.49 -5.13 -20.99
C2 GOL G . -3.92 -3.82 -19.17
O2 GOL G . -3.24 -4.64 -18.33
C3 GOL G . -4.82 -3.00 -19.13
O3 GOL G . -5.86 -1.93 -19.58
C1 GOL H . 3.57 -8.99 -34.86
O1 GOL H . 2.16 -8.86 -34.13
C2 GOL H . 3.98 -10.04 -35.70
O2 GOL H . 4.04 -11.21 -35.02
C3 GOL H . 4.15 -9.62 -36.82
O3 GOL H . 4.25 -8.61 -38.03
C1 GOL I . -0.78 1.78 -43.97
O1 GOL I . 0.32 1.46 -45.11
C2 GOL I . -1.17 3.06 -43.55
O2 GOL I . -0.25 3.98 -43.85
C3 GOL I . -2.26 3.00 -43.03
O3 GOL I . -3.61 2.41 -42.47
#